data_3X04
#
_entry.id   3X04
#
_cell.length_a   109.804
_cell.length_b   185.222
_cell.length_c   106.449
_cell.angle_alpha   90.00
_cell.angle_beta   90.00
_cell.angle_gamma   90.00
#
_symmetry.space_group_name_H-M   'C 2 2 21'
#
loop_
_entity.id
_entity.type
_entity.pdbx_description
1 polymer 'Phosphatidylinositol 5-phosphate 4-kinase type-2 beta'
2 non-polymer 'PHOSPHOAMINOPHOSPHONIC ACID-GUANYLATE ESTER'
3 water water
#
_entity_poly.entity_id   1
_entity_poly.type   'polypeptide(L)'
_entity_poly.pdbx_seq_one_letter_code
;GPNCAPGQKVKLFRASEPILSVLMWGVNHTINELSNVPVPVMLMPDDFKAYSKIKVDNHLFNKENLPSRFKFKEYCPMVF
RNLRERFGIDDQDYQNSVTRSAPINSDSQGRCGTRFLTTYDRRFVIKTVSSEDVAEMHNILKKYHQFIVECHGNTLLPQF
LGMYRLTVDGVETYMVVTRNVFSHRLTVHRKYDLKGSTVAREASDKEKAKDLPTFKDNDFLNEGQKLHVGEESKKNFLEK
LKRDVEFLAQLKIMDYSLLVGIHDVDRAEQEEMEVEERAEDEECENDGVGGNLLCSYGTPPDSPGNLLSFPRFFGPGEFD
PSVDVYAMKSHESSPKKEVYFMAIIDILTPYDTKKKAAHAAKTVKHGAGAEISTVNPEQYSKRFNEFMSNILT
;
_entity_poly.pdbx_strand_id   A,B
#
loop_
_chem_comp.id
_chem_comp.type
_chem_comp.name
_chem_comp.formula
GNP non-polymer 'PHOSPHOAMINOPHOSPHONIC ACID-GUANYLATE ESTER' 'C10 H17 N6 O13 P3'
#
# COMPACT_ATOMS: atom_id res chain seq x y z
N VAL A 10 3.98 -2.94 -11.58
CA VAL A 10 4.06 -1.49 -11.68
C VAL A 10 2.71 -0.87 -12.06
N LYS A 11 1.96 -0.44 -11.06
CA LYS A 11 0.61 0.07 -11.28
C LYS A 11 0.61 1.58 -11.34
N LEU A 12 0.18 2.11 -12.49
CA LEU A 12 0.09 3.54 -12.65
C LEU A 12 -1.27 4.12 -12.22
N PHE A 13 -2.27 3.27 -12.05
CA PHE A 13 -3.64 3.72 -11.82
C PHE A 13 -4.09 4.71 -12.89
N ARG A 14 -3.80 4.41 -14.15
CA ARG A 14 -4.24 5.29 -15.21
C ARG A 14 -5.75 5.08 -15.43
N ALA A 15 -6.50 6.18 -15.52
CA ALA A 15 -7.93 6.10 -15.75
C ALA A 15 -8.49 7.39 -16.33
N SER A 16 -9.59 7.29 -17.07
CA SER A 16 -10.19 8.45 -17.71
C SER A 16 -10.75 9.49 -16.72
N GLU A 17 -11.01 9.07 -15.49
CA GLU A 17 -11.45 9.99 -14.45
C GLU A 17 -10.62 9.79 -13.19
N PRO A 18 -10.30 10.88 -12.49
CA PRO A 18 -9.52 10.79 -11.24
C PRO A 18 -10.21 9.95 -10.16
N ILE A 19 -11.54 9.96 -10.16
CA ILE A 19 -12.28 9.10 -9.25
C ILE A 19 -11.85 7.63 -9.41
N LEU A 20 -11.76 7.14 -10.64
CA LEU A 20 -11.34 5.77 -10.90
C LEU A 20 -9.89 5.46 -10.46
N SER A 21 -8.98 6.40 -10.70
CA SER A 21 -7.59 6.26 -10.25
C SER A 21 -7.56 6.09 -8.75
N VAL A 22 -8.39 6.89 -8.07
CA VAL A 22 -8.41 6.87 -6.63
C VAL A 22 -9.02 5.58 -6.15
N LEU A 23 -10.06 5.10 -6.86
CA LEU A 23 -10.65 3.79 -6.55
C LEU A 23 -9.59 2.70 -6.60
N MET A 24 -8.83 2.70 -7.70
CA MET A 24 -7.76 1.72 -7.90
C MET A 24 -6.70 1.82 -6.80
N TRP A 25 -6.26 3.03 -6.50
CA TRP A 25 -5.28 3.25 -5.46
C TRP A 25 -5.77 2.78 -4.12
N GLY A 26 -7.03 3.06 -3.80
CA GLY A 26 -7.61 2.68 -2.54
C GLY A 26 -7.73 1.18 -2.33
N VAL A 27 -8.25 0.48 -3.33
CA VAL A 27 -8.35 -0.97 -3.21
C VAL A 27 -6.95 -1.55 -3.08
N ASN A 28 -6.02 -0.98 -3.84
CA ASN A 28 -4.65 -1.47 -3.78
C ASN A 28 -4.05 -1.34 -2.39
N HIS A 29 -4.13 -0.12 -1.90
CA HIS A 29 -3.63 0.26 -0.58
C HIS A 29 -4.28 -0.55 0.57
N THR A 30 -5.59 -0.61 0.57
CA THR A 30 -6.32 -1.36 1.61
C THR A 30 -6.04 -2.85 1.59
N ILE A 31 -6.00 -3.45 0.38
CA ILE A 31 -5.65 -4.86 0.30
C ILE A 31 -4.19 -5.11 0.81
N ASN A 32 -3.25 -4.24 0.46
CA ASN A 32 -1.88 -4.50 0.92
C ASN A 32 -1.76 -4.35 2.43
N GLU A 33 -2.45 -3.34 2.96
CA GLU A 33 -2.51 -3.11 4.38
C GLU A 33 -3.06 -4.37 5.07
N LEU A 34 -4.20 -4.84 4.57
CA LEU A 34 -4.84 -5.99 5.15
C LEU A 34 -3.90 -7.19 5.11
N SER A 35 -3.00 -7.19 4.14
CA SER A 35 -2.04 -8.29 4.07
C SER A 35 -1.13 -8.34 5.33
N ASN A 36 -0.97 -7.20 6.00
CA ASN A 36 -0.17 -7.16 7.22
C ASN A 36 -0.97 -7.56 8.47
N VAL A 37 -2.30 -7.48 8.34
CA VAL A 37 -3.20 -7.78 9.42
C VAL A 37 -3.55 -9.27 9.44
N PRO A 38 -3.23 -9.96 10.54
CA PRO A 38 -3.55 -11.40 10.63
C PRO A 38 -5.05 -11.73 10.53
N VAL A 39 -5.36 -12.94 10.12
CA VAL A 39 -6.75 -13.34 9.94
C VAL A 39 -7.30 -13.92 11.23
N PRO A 40 -8.29 -13.25 11.82
CA PRO A 40 -8.79 -13.57 13.15
C PRO A 40 -9.51 -14.91 13.20
N VAL A 41 -9.51 -15.50 14.40
CA VAL A 41 -10.23 -16.72 14.68
C VAL A 41 -11.70 -16.44 14.44
N MET A 42 -12.14 -15.29 14.94
CA MET A 42 -13.52 -14.86 14.80
C MET A 42 -13.61 -13.36 14.57
N LEU A 43 -14.76 -12.91 14.06
CA LEU A 43 -15.04 -11.49 13.99
C LEU A 43 -15.61 -11.02 15.32
N MET A 44 -15.28 -9.79 15.69
CA MET A 44 -15.75 -9.17 16.93
C MET A 44 -16.75 -8.05 16.64
N PRO A 45 -17.66 -7.77 17.58
CA PRO A 45 -18.62 -6.65 17.42
C PRO A 45 -18.03 -5.33 16.91
N ASP A 46 -16.84 -4.98 17.37
CA ASP A 46 -16.15 -3.78 16.91
C ASP A 46 -15.82 -3.82 15.43
N ASP A 47 -15.58 -5.02 14.91
CA ASP A 47 -15.33 -5.20 13.47
C ASP A 47 -16.53 -4.67 12.64
N PHE A 48 -17.71 -4.60 13.23
CA PHE A 48 -18.88 -4.19 12.46
C PHE A 48 -19.15 -2.70 12.56
N LYS A 49 -18.39 -2.03 13.42
CA LYS A 49 -18.51 -0.59 13.62
C LYS A 49 -17.22 0.10 13.26
N ALA A 50 -16.25 -0.67 12.77
CA ALA A 50 -14.90 -0.17 12.43
C ALA A 50 -14.78 0.41 11.02
N TYR A 51 -13.79 1.28 10.84
CA TYR A 51 -13.44 1.77 9.49
C TYR A 51 -11.96 2.11 9.34
N SER A 52 -11.47 2.20 8.10
CA SER A 52 -10.13 2.74 7.87
C SER A 52 -10.23 4.00 7.06
N LYS A 53 -9.38 4.95 7.37
CA LYS A 53 -9.40 6.22 6.67
C LYS A 53 -7.98 6.69 6.41
N ILE A 54 -7.77 7.15 5.19
CA ILE A 54 -6.49 7.59 4.74
C ILE A 54 -6.71 8.94 4.07
N LYS A 55 -5.86 9.90 4.37
CA LYS A 55 -5.93 11.20 3.71
C LYS A 55 -4.56 11.50 3.13
N VAL A 56 -4.55 11.79 1.84
CA VAL A 56 -3.32 12.03 1.12
C VAL A 56 -3.28 13.46 0.61
N ASP A 57 -2.21 14.18 0.96
CA ASP A 57 -1.93 15.50 0.40
C ASP A 57 -0.48 15.52 -0.14
N ASN A 58 -0.28 15.15 -1.40
CA ASN A 58 1.06 15.18 -1.98
C ASN A 58 1.38 16.57 -2.54
N HIS A 59 2.64 16.94 -2.58
CA HIS A 59 3.01 18.21 -3.18
C HIS A 59 4.13 18.03 -4.18
N LEU A 60 3.86 18.40 -5.42
CA LEU A 60 4.83 18.31 -6.53
C LEU A 60 5.41 16.90 -6.71
N PHE A 61 4.58 15.90 -6.49
CA PHE A 61 5.01 14.51 -6.47
C PHE A 61 3.90 13.58 -6.90
N ASN A 62 4.22 12.64 -7.78
CA ASN A 62 3.31 11.58 -8.19
C ASN A 62 1.95 12.09 -8.64
N LYS A 63 1.91 13.02 -9.61
CA LYS A 63 0.63 13.59 -10.07
C LYS A 63 0.23 13.23 -11.50
N GLU A 64 0.91 12.29 -12.13
CA GLU A 64 0.54 11.93 -13.48
C GLU A 64 -0.85 11.30 -13.52
N ASN A 65 -1.17 10.45 -12.54
CA ASN A 65 -2.49 9.82 -12.56
C ASN A 65 -3.36 10.16 -11.35
N LEU A 66 -2.82 9.97 -10.16
CA LEU A 66 -3.57 10.31 -8.97
C LEU A 66 -3.67 11.82 -8.87
N PRO A 67 -4.76 12.31 -8.28
CA PRO A 67 -4.78 13.72 -7.87
C PRO A 67 -3.77 13.89 -6.74
N SER A 68 -3.31 15.10 -6.46
CA SER A 68 -2.37 15.33 -5.36
C SER A 68 -3.05 15.16 -4.01
N ARG A 69 -4.36 15.45 -3.95
CA ARG A 69 -5.08 15.42 -2.69
C ARG A 69 -6.31 14.56 -2.86
N PHE A 70 -6.48 13.61 -1.95
CA PHE A 70 -7.67 12.77 -1.95
C PHE A 70 -7.86 12.06 -0.62
N LYS A 71 -9.07 11.58 -0.36
CA LYS A 71 -9.31 10.75 0.82
C LYS A 71 -9.91 9.37 0.45
N PHE A 72 -9.54 8.35 1.20
CA PHE A 72 -10.10 7.02 0.97
C PHE A 72 -10.52 6.39 2.29
N LYS A 73 -11.77 5.94 2.35
CA LYS A 73 -12.30 5.28 3.54
C LYS A 73 -12.82 3.87 3.18
N GLU A 74 -12.41 2.86 3.96
CA GLU A 74 -12.98 1.51 3.81
C GLU A 74 -13.84 1.12 5.03
N TYR A 75 -15.08 0.73 4.77
CA TYR A 75 -16.01 0.37 5.85
C TYR A 75 -15.84 -1.07 6.30
N CYS A 76 -15.71 -1.27 7.61
CA CYS A 76 -15.71 -2.61 8.22
C CYS A 76 -14.80 -3.60 7.48
N PRO A 77 -13.53 -3.23 7.30
CA PRO A 77 -12.72 -4.03 6.38
C PRO A 77 -12.47 -5.49 6.82
N MET A 78 -12.41 -5.76 8.11
CA MET A 78 -12.20 -7.12 8.61
C MET A 78 -13.34 -8.01 8.15
N VAL A 79 -14.54 -7.43 8.23
CA VAL A 79 -15.77 -8.08 7.83
C VAL A 79 -15.78 -8.39 6.35
N PHE A 80 -15.49 -7.38 5.52
CA PHE A 80 -15.55 -7.63 4.10
C PHE A 80 -14.44 -8.58 3.65
N ARG A 81 -13.31 -8.56 4.34
CA ARG A 81 -12.25 -9.53 4.04
C ARG A 81 -12.83 -10.91 4.25
N ASN A 82 -13.39 -11.13 5.44
CA ASN A 82 -14.01 -12.40 5.74
C ASN A 82 -15.08 -12.82 4.75
N LEU A 83 -15.86 -11.85 4.30
CA LEU A 83 -16.92 -12.09 3.33
C LEU A 83 -16.31 -12.58 2.04
N ARG A 84 -15.23 -11.93 1.64
CA ARG A 84 -14.51 -12.31 0.43
C ARG A 84 -14.11 -13.77 0.59
N GLU A 85 -13.56 -14.11 1.75
CA GLU A 85 -13.13 -15.49 1.96
C GLU A 85 -14.30 -16.45 1.80
N ARG A 86 -15.43 -16.14 2.42
CA ARG A 86 -16.58 -17.03 2.37
C ARG A 86 -17.24 -17.15 0.99
N PHE A 87 -16.93 -16.21 0.10
CA PHE A 87 -17.44 -16.25 -1.27
C PHE A 87 -16.39 -16.82 -2.23
N GLY A 88 -15.33 -17.39 -1.68
CA GLY A 88 -14.28 -18.00 -2.46
C GLY A 88 -13.51 -17.02 -3.32
N ILE A 89 -13.41 -15.78 -2.86
CA ILE A 89 -12.63 -14.79 -3.59
C ILE A 89 -11.37 -14.46 -2.79
N ASP A 90 -10.23 -14.67 -3.43
CA ASP A 90 -8.91 -14.39 -2.85
C ASP A 90 -8.55 -12.88 -2.99
N ASP A 91 -8.00 -12.29 -1.93
CA ASP A 91 -7.72 -10.85 -1.89
C ASP A 91 -6.78 -10.36 -3.00
N GLN A 92 -5.71 -11.10 -3.26
CA GLN A 92 -4.84 -10.75 -4.38
C GLN A 92 -5.56 -10.72 -5.72
N ASP A 93 -6.46 -11.69 -5.97
CA ASP A 93 -7.28 -11.66 -7.20
C ASP A 93 -8.21 -10.46 -7.29
N TYR A 94 -8.88 -10.15 -6.17
CA TYR A 94 -9.75 -8.99 -6.01
C TYR A 94 -9.00 -7.71 -6.38
N GLN A 95 -7.89 -7.55 -5.71
CA GLN A 95 -6.99 -6.44 -5.89
C GLN A 95 -6.60 -6.32 -7.37
N ASN A 96 -6.05 -7.39 -7.93
CA ASN A 96 -5.66 -7.43 -9.33
C ASN A 96 -6.78 -7.07 -10.28
N SER A 97 -7.99 -7.56 -9.99
CA SER A 97 -9.13 -7.28 -10.84
C SER A 97 -9.42 -5.79 -10.85
N VAL A 98 -9.23 -5.14 -9.69
CA VAL A 98 -9.54 -3.73 -9.59
C VAL A 98 -8.42 -2.86 -10.17
N THR A 99 -7.16 -3.30 -10.04
CA THR A 99 -6.02 -2.38 -10.26
C THR A 99 -5.14 -2.64 -11.47
N ARG A 100 -5.33 -3.77 -12.14
CA ARG A 100 -4.44 -4.15 -13.21
C ARG A 100 -4.75 -3.25 -14.39
N SER A 101 -6.04 -2.95 -14.54
CA SER A 101 -6.51 -1.99 -15.52
C SER A 101 -7.81 -1.34 -15.05
N ALA A 102 -8.03 -0.10 -15.47
CA ALA A 102 -9.15 0.70 -15.01
C ALA A 102 -10.50 0.05 -15.23
N PRO A 103 -11.38 0.17 -14.23
CA PRO A 103 -12.75 -0.29 -14.35
C PRO A 103 -13.45 0.47 -15.46
N ILE A 104 -14.44 -0.15 -16.06
CA ILE A 104 -15.13 0.40 -17.22
C ILE A 104 -16.62 0.59 -16.98
N ASN A 105 -17.22 1.55 -17.70
CA ASN A 105 -18.61 1.96 -17.51
C ASN A 105 -19.58 0.86 -17.89
N ARG A 115 -23.26 6.02 -10.83
CA ARG A 115 -22.30 5.30 -11.66
C ARG A 115 -22.40 3.78 -11.56
N PHE A 116 -22.18 3.12 -12.69
CA PHE A 116 -22.14 1.67 -12.75
C PHE A 116 -20.90 1.15 -13.49
N LEU A 117 -19.95 0.67 -12.71
CA LEU A 117 -18.70 0.16 -13.24
C LEU A 117 -18.59 -1.37 -13.16
N THR A 118 -17.71 -1.90 -13.98
CA THR A 118 -17.36 -3.30 -13.97
C THR A 118 -15.83 -3.34 -13.98
N THR A 119 -15.24 -4.33 -13.34
CA THR A 119 -13.79 -4.42 -13.40
C THR A 119 -13.41 -4.80 -14.82
N TYR A 120 -12.19 -4.48 -15.24
CA TYR A 120 -11.81 -4.66 -16.65
C TYR A 120 -12.05 -6.13 -17.07
N ASP A 121 -11.92 -7.06 -16.14
CA ASP A 121 -12.06 -8.49 -16.45
C ASP A 121 -13.50 -8.99 -16.21
N ARG A 122 -14.41 -8.07 -15.89
CA ARG A 122 -15.84 -8.39 -15.73
C ARG A 122 -16.22 -9.27 -14.53
N ARG A 123 -15.32 -9.42 -13.58
CA ARG A 123 -15.60 -10.29 -12.43
C ARG A 123 -16.41 -9.58 -11.36
N PHE A 124 -16.19 -8.28 -11.21
CA PHE A 124 -16.81 -7.52 -10.13
C PHE A 124 -17.55 -6.29 -10.63
N VAL A 125 -18.61 -5.95 -9.92
CA VAL A 125 -19.43 -4.79 -10.20
C VAL A 125 -19.18 -3.75 -9.12
N ILE A 126 -18.90 -2.52 -9.55
CA ILE A 126 -18.74 -1.43 -8.59
C ILE A 126 -19.89 -0.48 -8.80
N LYS A 127 -20.73 -0.35 -7.77
CA LYS A 127 -21.92 0.47 -7.86
C LYS A 127 -21.75 1.70 -6.98
N THR A 128 -22.11 2.86 -7.52
CA THR A 128 -22.10 4.08 -6.74
C THR A 128 -23.39 4.21 -5.94
N VAL A 129 -23.27 4.42 -4.63
CA VAL A 129 -24.47 4.48 -3.81
C VAL A 129 -24.57 5.74 -2.97
N SER A 130 -25.55 5.76 -2.08
CA SER A 130 -25.81 6.93 -1.25
C SER A 130 -25.40 6.68 0.20
N SER A 131 -25.26 7.77 0.95
CA SER A 131 -25.06 7.71 2.40
C SER A 131 -26.14 6.84 3.07
N GLU A 132 -27.37 6.94 2.58
CA GLU A 132 -28.46 6.11 3.08
C GLU A 132 -28.13 4.65 2.88
N ASP A 133 -27.68 4.32 1.66
CA ASP A 133 -27.32 2.95 1.33
C ASP A 133 -26.25 2.45 2.30
N VAL A 134 -25.24 3.27 2.56
CA VAL A 134 -24.13 2.87 3.42
C VAL A 134 -24.65 2.58 4.84
N ALA A 135 -25.54 3.45 5.31
CA ALA A 135 -26.18 3.28 6.60
C ALA A 135 -26.94 1.96 6.69
N GLU A 136 -27.77 1.68 5.69
CA GLU A 136 -28.49 0.42 5.66
C GLU A 136 -27.57 -0.81 5.57
N MET A 137 -26.42 -0.69 4.89
CA MET A 137 -25.44 -1.77 4.90
C MET A 137 -25.02 -2.06 6.33
N HIS A 138 -24.61 -1.02 7.06
CA HIS A 138 -24.29 -1.18 8.48
C HIS A 138 -25.44 -1.79 9.30
N ASN A 139 -26.65 -1.33 9.05
CA ASN A 139 -27.79 -1.81 9.81
C ASN A 139 -27.98 -3.30 9.62
N ILE A 140 -27.78 -3.76 8.39
CA ILE A 140 -28.06 -5.15 8.10
C ILE A 140 -26.83 -6.06 8.15
N LEU A 141 -25.66 -5.49 8.40
CA LEU A 141 -24.40 -6.20 8.14
C LEU A 141 -24.12 -7.43 9.02
N LYS A 142 -24.41 -7.35 10.32
CA LYS A 142 -24.15 -8.48 11.20
C LYS A 142 -25.04 -9.68 10.84
N LYS A 143 -26.29 -9.37 10.48
CA LYS A 143 -27.27 -10.38 10.11
C LYS A 143 -27.02 -10.95 8.72
N TYR A 144 -26.59 -10.09 7.79
CA TYR A 144 -26.24 -10.55 6.46
C TYR A 144 -25.03 -11.45 6.59
N HIS A 145 -24.08 -11.05 7.43
CA HIS A 145 -22.90 -11.88 7.61
C HIS A 145 -23.27 -13.25 8.15
N GLN A 146 -24.02 -13.28 9.26
CA GLN A 146 -24.40 -14.55 9.87
C GLN A 146 -25.20 -15.41 8.91
N PHE A 147 -26.07 -14.76 8.12
CA PHE A 147 -26.83 -15.45 7.09
C PHE A 147 -25.91 -16.12 6.07
N ILE A 148 -24.95 -15.37 5.54
CA ILE A 148 -23.94 -15.91 4.62
C ILE A 148 -23.20 -17.09 5.25
N VAL A 149 -22.93 -16.99 6.54
CA VAL A 149 -22.30 -18.09 7.29
C VAL A 149 -23.16 -19.36 7.32
N GLU A 150 -24.41 -19.23 7.74
CA GLU A 150 -25.25 -20.39 7.90
C GLU A 150 -25.80 -20.89 6.57
N CYS A 151 -25.74 -20.06 5.54
CA CYS A 151 -26.16 -20.52 4.22
C CYS A 151 -24.98 -20.97 3.37
N HIS A 152 -23.78 -20.90 3.95
CA HIS A 152 -22.56 -21.38 3.29
C HIS A 152 -22.22 -20.66 1.98
N GLY A 153 -22.68 -19.42 1.83
CA GLY A 153 -22.34 -18.63 0.64
C GLY A 153 -23.28 -18.92 -0.53
N ASN A 154 -24.04 -20.00 -0.40
CA ASN A 154 -25.06 -20.37 -1.38
C ASN A 154 -26.32 -19.52 -1.26
N THR A 155 -26.39 -18.47 -2.07
CA THR A 155 -27.48 -17.52 -2.01
C THR A 155 -27.57 -16.74 -3.32
N LEU A 156 -28.79 -16.38 -3.69
CA LEU A 156 -29.03 -15.48 -4.82
C LEU A 156 -28.79 -14.00 -4.43
N LEU A 157 -28.66 -13.71 -3.13
CA LEU A 157 -28.42 -12.35 -2.66
C LEU A 157 -27.08 -11.83 -3.20
N PRO A 158 -26.96 -10.49 -3.28
CA PRO A 158 -25.67 -9.93 -3.68
C PRO A 158 -24.60 -10.38 -2.72
N GLN A 159 -23.45 -10.77 -3.27
CA GLN A 159 -22.30 -11.08 -2.45
C GLN A 159 -21.51 -9.78 -2.29
N PHE A 160 -21.61 -9.14 -1.12
CA PHE A 160 -20.87 -7.90 -0.88
C PHE A 160 -19.38 -8.14 -0.60
N LEU A 161 -18.50 -7.50 -1.38
CA LEU A 161 -17.05 -7.71 -1.27
C LEU A 161 -16.29 -6.54 -0.66
N GLY A 162 -16.87 -5.35 -0.74
CA GLY A 162 -16.21 -4.18 -0.22
C GLY A 162 -17.09 -2.97 -0.24
N MET A 163 -16.84 -2.03 0.66
CA MET A 163 -17.61 -0.81 0.73
C MET A 163 -16.70 0.40 1.03
N TYR A 164 -16.80 1.43 0.20
CA TYR A 164 -15.79 2.49 0.22
C TYR A 164 -16.39 3.87 0.06
N ARG A 165 -15.67 4.85 0.58
CA ARG A 165 -16.00 6.26 0.35
C ARG A 165 -14.78 6.99 -0.17
N LEU A 166 -14.90 7.53 -1.37
CA LEU A 166 -13.80 8.26 -2.00
C LEU A 166 -14.06 9.75 -1.85
N THR A 167 -12.98 10.50 -1.65
CA THR A 167 -13.11 11.94 -1.64
C THR A 167 -12.14 12.55 -2.63
N VAL A 168 -12.71 13.07 -3.73
CA VAL A 168 -11.98 13.81 -4.76
C VAL A 168 -12.61 15.17 -4.96
N ASP A 169 -11.76 16.21 -4.98
CA ASP A 169 -12.21 17.59 -5.17
C ASP A 169 -13.28 17.99 -4.16
N GLY A 170 -13.07 17.65 -2.89
CA GLY A 170 -14.05 17.96 -1.86
C GLY A 170 -15.39 17.26 -2.01
N VAL A 171 -15.51 16.39 -3.00
CA VAL A 171 -16.76 15.68 -3.22
C VAL A 171 -16.65 14.23 -2.73
N GLU A 172 -17.65 13.78 -1.99
CA GLU A 172 -17.66 12.43 -1.43
C GLU A 172 -18.48 11.44 -2.26
N THR A 173 -17.90 10.28 -2.54
CA THR A 173 -18.58 9.24 -3.33
C THR A 173 -18.56 7.86 -2.64
N TYR A 174 -19.73 7.29 -2.44
CA TYR A 174 -19.82 5.99 -1.80
C TYR A 174 -19.88 4.88 -2.86
N MET A 175 -19.20 3.76 -2.60
CA MET A 175 -19.19 2.63 -3.54
C MET A 175 -19.33 1.28 -2.85
N VAL A 176 -20.17 0.44 -3.43
CA VAL A 176 -20.30 -0.93 -3.00
C VAL A 176 -19.80 -1.89 -4.13
N VAL A 177 -18.88 -2.80 -3.80
CA VAL A 177 -18.43 -3.83 -4.75
C VAL A 177 -19.15 -5.18 -4.58
N THR A 178 -19.67 -5.73 -5.67
CA THR A 178 -20.28 -7.05 -5.64
C THR A 178 -19.67 -8.00 -6.67
N ARG A 179 -19.89 -9.30 -6.49
CA ARG A 179 -19.59 -10.20 -7.60
C ARG A 179 -20.64 -9.97 -8.68
N ASN A 180 -20.21 -9.99 -9.93
CA ASN A 180 -21.11 -9.84 -11.07
C ASN A 180 -22.13 -10.97 -11.10
N VAL A 181 -23.36 -10.64 -11.45
CA VAL A 181 -24.41 -11.62 -11.51
C VAL A 181 -24.19 -12.39 -12.79
N PHE A 182 -23.77 -11.64 -13.79
CA PHE A 182 -23.49 -12.20 -15.09
C PHE A 182 -22.11 -12.86 -15.11
N SER A 183 -21.93 -13.68 -16.13
CA SER A 183 -20.66 -14.33 -16.42
C SER A 183 -19.55 -13.31 -16.72
N HIS A 184 -18.33 -13.62 -16.29
CA HIS A 184 -17.21 -12.76 -16.61
C HIS A 184 -16.73 -12.99 -18.05
N ARG A 185 -17.30 -13.99 -18.71
CA ARG A 185 -16.90 -14.34 -20.07
C ARG A 185 -18.10 -14.37 -20.99
N LEU A 186 -18.97 -15.37 -20.83
CA LEU A 186 -20.15 -15.50 -21.66
C LEU A 186 -20.87 -14.15 -21.85
N THR A 187 -21.39 -13.93 -23.06
CA THR A 187 -22.13 -12.71 -23.37
C THR A 187 -23.63 -12.81 -23.06
N VAL A 188 -24.21 -11.73 -22.52
CA VAL A 188 -25.64 -11.69 -22.25
C VAL A 188 -26.38 -11.06 -23.42
N HIS A 189 -27.32 -11.82 -24.00
CA HIS A 189 -28.06 -11.39 -25.17
C HIS A 189 -29.44 -10.85 -24.83
N ARG A 190 -29.91 -11.16 -23.63
CA ARG A 190 -31.19 -10.54 -23.23
C ARG A 190 -31.22 -10.40 -21.71
N LYS A 191 -31.83 -9.33 -21.19
CA LYS A 191 -31.94 -9.19 -19.74
C LYS A 191 -33.28 -8.63 -19.19
N TYR A 192 -33.61 -9.03 -17.96
CA TYR A 192 -34.83 -8.60 -17.28
C TYR A 192 -34.54 -8.16 -15.85
N ASP A 193 -35.22 -7.09 -15.41
CA ASP A 193 -35.27 -6.72 -14.00
C ASP A 193 -36.70 -7.01 -13.54
N LEU A 194 -36.86 -8.00 -12.67
CA LEU A 194 -38.19 -8.48 -12.31
C LEU A 194 -38.54 -8.27 -10.84
N LYS A 195 -39.72 -7.72 -10.59
CA LYS A 195 -40.18 -7.49 -9.21
C LYS A 195 -41.45 -8.26 -8.86
N GLY A 196 -42.39 -8.31 -9.79
CA GLY A 196 -43.66 -8.99 -9.56
C GLY A 196 -44.77 -8.03 -9.17
N SER A 197 -44.48 -6.73 -9.21
CA SER A 197 -45.44 -5.70 -8.82
C SER A 197 -46.78 -5.86 -9.50
N THR A 198 -47.86 -5.48 -8.82
CA THR A 198 -49.16 -5.42 -9.46
C THR A 198 -49.13 -4.25 -10.42
N VAL A 199 -48.48 -3.18 -9.97
CA VAL A 199 -48.21 -2.03 -10.82
C VAL A 199 -47.48 -2.45 -12.10
N ALA A 200 -47.90 -1.89 -13.23
CA ALA A 200 -47.33 -2.24 -14.52
C ALA A 200 -45.88 -1.78 -14.67
N ARG A 201 -45.02 -2.70 -15.10
CA ARG A 201 -43.61 -2.41 -15.30
C ARG A 201 -43.13 -2.87 -16.67
N GLU A 202 -42.96 -1.92 -17.58
CA GLU A 202 -42.44 -2.24 -18.91
C GLU A 202 -41.15 -1.47 -19.12
N ALA A 203 -40.60 -1.53 -20.32
CA ALA A 203 -39.44 -0.74 -20.68
C ALA A 203 -39.89 0.40 -21.58
N SER A 204 -39.16 1.51 -21.55
CA SER A 204 -39.51 2.66 -22.39
C SER A 204 -39.11 2.41 -23.84
N ASP A 205 -39.65 3.23 -24.75
CA ASP A 205 -39.20 3.22 -26.14
C ASP A 205 -37.72 3.57 -26.15
N LYS A 206 -37.38 4.53 -25.29
CA LYS A 206 -36.00 4.89 -24.99
C LYS A 206 -35.16 3.66 -24.64
N GLU A 207 -35.54 2.96 -23.58
CA GLU A 207 -34.79 1.79 -23.15
C GLU A 207 -34.82 0.67 -24.20
N LYS A 208 -36.00 0.42 -24.77
CA LYS A 208 -36.14 -0.63 -25.79
C LYS A 208 -35.27 -0.37 -27.02
N ALA A 209 -34.86 0.89 -27.22
CA ALA A 209 -34.00 1.23 -28.33
C ALA A 209 -32.53 0.98 -28.01
N LYS A 210 -32.23 0.75 -26.74
CA LYS A 210 -30.85 0.49 -26.31
C LYS A 210 -30.33 -0.88 -26.80
N ASP A 211 -29.05 -1.15 -26.62
CA ASP A 211 -28.40 -2.35 -27.14
C ASP A 211 -28.85 -3.59 -26.38
N LEU A 212 -28.53 -3.60 -25.09
CA LEU A 212 -29.07 -4.59 -24.17
C LEU A 212 -30.03 -3.88 -23.23
N PRO A 213 -31.30 -3.74 -23.64
CA PRO A 213 -32.32 -3.03 -22.87
C PRO A 213 -32.57 -3.74 -21.55
N THR A 214 -33.09 -3.00 -20.57
CA THR A 214 -33.46 -3.62 -19.32
C THR A 214 -34.96 -3.89 -19.34
N PHE A 215 -35.32 -5.06 -19.86
CA PHE A 215 -36.73 -5.45 -19.92
C PHE A 215 -37.24 -5.70 -18.50
N LYS A 216 -38.55 -5.65 -18.33
CA LYS A 216 -39.13 -5.80 -16.99
C LYS A 216 -40.30 -6.78 -16.99
N ASP A 217 -41.09 -6.73 -15.91
CA ASP A 217 -42.13 -7.71 -15.65
C ASP A 217 -43.07 -7.98 -16.81
N ASN A 218 -43.79 -6.95 -17.21
CA ASN A 218 -44.79 -7.11 -18.27
C ASN A 218 -44.13 -7.43 -19.59
N ASP A 219 -42.89 -6.97 -19.76
CA ASP A 219 -42.11 -7.37 -20.92
C ASP A 219 -41.86 -8.86 -20.90
N PHE A 220 -41.55 -9.41 -19.72
CA PHE A 220 -41.33 -10.85 -19.58
C PHE A 220 -42.60 -11.65 -19.85
N LEU A 221 -43.72 -11.18 -19.29
CA LEU A 221 -45.02 -11.82 -19.52
C LEU A 221 -45.38 -11.82 -21.01
N ASN A 222 -45.21 -10.67 -21.64
CA ASN A 222 -45.58 -10.47 -23.04
C ASN A 222 -44.95 -11.46 -24.03
N GLU A 223 -43.69 -11.83 -23.79
CA GLU A 223 -42.98 -12.65 -24.76
C GLU A 223 -43.25 -14.14 -24.63
N GLY A 224 -44.03 -14.53 -23.63
CA GLY A 224 -44.21 -15.94 -23.34
C GLY A 224 -42.88 -16.57 -22.96
N GLN A 225 -41.95 -15.71 -22.55
CA GLN A 225 -40.61 -16.14 -22.16
C GLN A 225 -40.68 -17.07 -20.96
N LYS A 226 -39.84 -18.10 -20.97
CA LYS A 226 -39.74 -19.04 -19.87
C LYS A 226 -38.31 -19.57 -19.85
N LEU A 227 -37.84 -20.03 -18.70
CA LEU A 227 -36.51 -20.62 -18.63
C LEU A 227 -36.60 -22.08 -18.18
N HIS A 228 -36.10 -22.97 -19.02
CA HIS A 228 -36.21 -24.40 -18.76
C HIS A 228 -34.86 -24.85 -18.26
N VAL A 229 -34.80 -25.26 -16.99
CA VAL A 229 -33.52 -25.63 -16.38
C VAL A 229 -33.54 -27.06 -15.87
N GLY A 230 -34.70 -27.68 -15.84
CA GLY A 230 -34.78 -29.01 -15.31
C GLY A 230 -34.88 -29.05 -13.80
N GLU A 231 -35.60 -30.04 -13.31
CA GLU A 231 -36.07 -30.07 -11.94
C GLU A 231 -34.98 -29.88 -10.89
N GLU A 232 -33.88 -30.58 -11.04
CA GLU A 232 -32.86 -30.58 -10.01
C GLU A 232 -32.27 -29.18 -9.80
N SER A 233 -32.25 -28.39 -10.87
CA SER A 233 -31.76 -27.01 -10.79
C SER A 233 -32.86 -26.05 -10.33
N LYS A 234 -34.08 -26.30 -10.77
CA LYS A 234 -35.22 -25.54 -10.33
C LYS A 234 -35.37 -25.61 -8.80
N LYS A 235 -35.18 -26.79 -8.22
CA LYS A 235 -35.39 -27.00 -6.79
C LYS A 235 -34.35 -26.25 -5.97
N ASN A 236 -33.09 -26.36 -6.40
CA ASN A 236 -32.02 -25.60 -5.77
C ASN A 236 -32.32 -24.09 -5.82
N PHE A 237 -32.59 -23.61 -7.04
CA PHE A 237 -32.91 -22.19 -7.22
C PHE A 237 -34.00 -21.72 -6.26
N LEU A 238 -35.17 -22.37 -6.35
CA LEU A 238 -36.32 -22.00 -5.54
C LEU A 238 -36.09 -22.09 -4.04
N GLU A 239 -35.22 -23.00 -3.61
CA GLU A 239 -34.97 -23.10 -2.18
C GLU A 239 -34.10 -21.96 -1.69
N LYS A 240 -33.05 -21.67 -2.46
CA LYS A 240 -32.26 -20.46 -2.27
C LYS A 240 -33.19 -19.26 -2.17
N LEU A 241 -34.04 -19.08 -3.17
CA LEU A 241 -34.93 -17.92 -3.23
C LEU A 241 -35.81 -17.80 -2.01
N LYS A 242 -36.43 -18.91 -1.61
CA LYS A 242 -37.32 -18.88 -0.44
C LYS A 242 -36.59 -18.42 0.83
N ARG A 243 -35.43 -19.01 1.14
CA ARG A 243 -34.73 -18.50 2.32
C ARG A 243 -34.24 -17.04 2.14
N ASP A 244 -33.85 -16.68 0.92
CA ASP A 244 -33.36 -15.33 0.63
C ASP A 244 -34.41 -14.24 0.89
N VAL A 245 -35.58 -14.39 0.28
CA VAL A 245 -36.64 -13.40 0.47
C VAL A 245 -37.23 -13.48 1.87
N GLU A 246 -37.13 -14.63 2.54
CA GLU A 246 -37.59 -14.65 3.93
C GLU A 246 -36.64 -13.82 4.81
N PHE A 247 -35.34 -13.94 4.52
CA PHE A 247 -34.32 -13.15 5.21
C PHE A 247 -34.51 -11.65 4.94
N LEU A 248 -34.80 -11.32 3.70
CA LEU A 248 -35.01 -9.91 3.33
C LEU A 248 -36.28 -9.36 3.99
N ALA A 249 -37.33 -10.17 4.00
CA ALA A 249 -38.58 -9.79 4.65
C ALA A 249 -38.35 -9.48 6.12
N GLN A 250 -37.55 -10.31 6.80
CA GLN A 250 -37.19 -10.02 8.20
C GLN A 250 -36.69 -8.59 8.45
N LEU A 251 -35.66 -8.16 7.73
CA LEU A 251 -35.26 -6.74 7.79
C LEU A 251 -36.29 -5.95 6.97
N LYS A 252 -36.37 -4.64 7.14
CA LYS A 252 -37.42 -3.89 6.43
C LYS A 252 -37.03 -3.63 4.98
N ILE A 253 -36.75 -4.70 4.24
CA ILE A 253 -36.14 -4.58 2.91
C ILE A 253 -37.15 -4.76 1.78
N MET A 254 -37.24 -3.77 0.89
CA MET A 254 -38.15 -3.84 -0.24
C MET A 254 -37.53 -3.37 -1.55
N ASP A 255 -38.34 -3.41 -2.62
CA ASP A 255 -37.98 -2.87 -3.94
C ASP A 255 -36.81 -3.57 -4.61
N TYR A 256 -36.35 -4.66 -4.00
CA TYR A 256 -35.30 -5.49 -4.57
C TYR A 256 -35.82 -6.30 -5.74
N SER A 257 -34.93 -6.64 -6.67
CA SER A 257 -35.32 -7.29 -7.93
C SER A 257 -34.62 -8.62 -8.19
N LEU A 258 -35.18 -9.41 -9.11
CA LEU A 258 -34.45 -10.55 -9.62
C LEU A 258 -33.93 -10.11 -10.97
N LEU A 259 -32.61 -10.16 -11.12
CA LEU A 259 -31.95 -9.85 -12.37
C LEU A 259 -31.76 -11.13 -13.12
N VAL A 260 -32.20 -11.10 -14.39
CA VAL A 260 -32.21 -12.27 -15.26
C VAL A 260 -31.40 -12.01 -16.53
N GLY A 261 -30.30 -12.73 -16.70
CA GLY A 261 -29.53 -12.69 -17.93
C GLY A 261 -29.66 -13.96 -18.75
N ILE A 262 -29.88 -13.79 -20.04
CA ILE A 262 -29.97 -14.91 -20.96
C ILE A 262 -28.87 -14.85 -22.01
N HIS A 263 -28.07 -15.93 -22.02
CA HIS A 263 -26.99 -16.22 -22.97
C HIS A 263 -27.41 -17.27 -24.02
N ASP A 264 -27.46 -16.85 -25.29
CA ASP A 264 -27.77 -17.75 -26.41
C ASP A 264 -26.51 -18.43 -26.92
N VAL A 265 -26.30 -19.68 -26.51
CA VAL A 265 -25.08 -20.42 -26.85
C VAL A 265 -24.75 -20.43 -28.34
N ASP A 266 -25.77 -20.72 -29.15
CA ASP A 266 -25.64 -20.77 -30.60
C ASP A 266 -25.22 -19.43 -31.17
N ARG A 267 -25.96 -18.40 -30.78
CA ARG A 267 -25.67 -17.04 -31.20
C ARG A 267 -24.21 -16.69 -30.86
N ALA A 268 -23.75 -17.15 -29.70
CA ALA A 268 -22.40 -16.82 -29.28
C ALA A 268 -21.38 -17.49 -30.16
N GLU A 269 -21.62 -18.78 -30.47
CA GLU A 269 -20.70 -19.53 -31.31
C GLU A 269 -20.58 -18.81 -32.67
N GLN A 270 -21.72 -18.33 -33.14
CA GLN A 270 -21.80 -17.48 -34.33
C GLN A 270 -20.94 -16.22 -34.23
N GLU A 271 -21.13 -15.45 -33.16
CA GLU A 271 -20.42 -14.17 -32.97
C GLU A 271 -18.91 -14.36 -32.84
N GLU A 272 -18.52 -15.41 -32.14
CA GLU A 272 -17.13 -15.84 -32.08
C GLU A 272 -16.62 -16.12 -33.48
N MET A 273 -17.45 -16.81 -34.28
CA MET A 273 -17.08 -17.22 -35.62
C MET A 273 -16.85 -16.00 -36.50
N GLU A 274 -17.74 -15.02 -36.40
CA GLU A 274 -17.55 -13.74 -37.07
C GLU A 274 -16.31 -13.00 -36.57
N VAL A 275 -15.94 -13.21 -35.30
CA VAL A 275 -14.74 -12.60 -34.75
C VAL A 275 -13.47 -13.22 -35.33
N GLU A 276 -13.40 -14.55 -35.36
CA GLU A 276 -12.22 -15.25 -35.89
C GLU A 276 -12.13 -15.16 -37.41
N GLU A 277 -13.26 -14.91 -38.07
CA GLU A 277 -13.28 -14.76 -39.52
C GLU A 277 -12.75 -13.39 -39.94
N ARG A 278 -13.21 -12.36 -39.25
CA ARG A 278 -12.81 -10.97 -39.49
C ARG A 278 -11.37 -10.74 -39.04
N ALA A 279 -10.73 -11.83 -38.61
CA ALA A 279 -9.31 -11.84 -38.27
C ALA A 279 -8.61 -12.99 -39.00
N GLY A 315 -15.77 -23.80 -23.45
CA GLY A 315 -15.93 -24.10 -24.86
C GLY A 315 -17.23 -23.58 -25.44
N PRO A 316 -18.25 -24.44 -25.52
CA PRO A 316 -19.56 -23.98 -25.99
C PRO A 316 -20.62 -24.05 -24.88
N GLY A 317 -21.04 -22.89 -24.37
CA GLY A 317 -22.09 -22.83 -23.36
C GLY A 317 -21.76 -23.50 -22.03
N GLU A 318 -20.47 -23.53 -21.70
CA GLU A 318 -20.08 -24.08 -20.41
C GLU A 318 -19.51 -23.00 -19.49
N PHE A 319 -19.51 -23.28 -18.20
CA PHE A 319 -19.04 -22.29 -17.24
C PHE A 319 -18.50 -22.91 -15.96
N ASP A 320 -17.62 -22.18 -15.30
CA ASP A 320 -17.10 -22.58 -14.01
C ASP A 320 -18.07 -22.07 -12.94
N PRO A 321 -18.83 -22.99 -12.31
CA PRO A 321 -19.81 -22.55 -11.32
C PRO A 321 -19.16 -22.00 -10.02
N SER A 322 -17.88 -22.28 -9.79
CA SER A 322 -17.18 -21.63 -8.69
C SER A 322 -17.03 -20.12 -8.97
N VAL A 323 -17.07 -19.75 -10.25
CA VAL A 323 -16.86 -18.38 -10.67
C VAL A 323 -18.16 -17.70 -11.10
N ASP A 324 -18.79 -18.25 -12.12
CA ASP A 324 -20.12 -17.78 -12.53
C ASP A 324 -21.19 -18.39 -11.63
N VAL A 325 -21.18 -17.88 -10.41
CA VAL A 325 -21.90 -18.40 -9.27
C VAL A 325 -23.42 -18.51 -9.47
N TYR A 326 -24.01 -17.69 -10.33
CA TYR A 326 -25.45 -17.70 -10.56
C TYR A 326 -25.87 -18.33 -11.92
N ALA A 327 -24.94 -19.04 -12.57
CA ALA A 327 -25.20 -19.57 -13.90
C ALA A 327 -25.91 -20.94 -13.87
N MET A 328 -26.93 -21.10 -14.72
CA MET A 328 -27.67 -22.36 -14.87
C MET A 328 -27.81 -22.74 -16.34
N LYS A 329 -27.48 -23.99 -16.66
CA LYS A 329 -27.67 -24.52 -18.02
C LYS A 329 -29.14 -24.78 -18.27
N SER A 330 -29.60 -24.51 -19.47
CA SER A 330 -30.93 -24.91 -19.90
C SER A 330 -31.10 -26.44 -19.85
N HIS A 331 -32.31 -26.88 -19.52
CA HIS A 331 -32.67 -28.31 -19.47
C HIS A 331 -32.17 -29.09 -20.68
N GLU A 332 -31.67 -30.30 -20.44
CA GLU A 332 -31.12 -31.14 -21.51
C GLU A 332 -32.03 -31.25 -22.74
N SER A 333 -33.31 -30.92 -22.59
CA SER A 333 -34.23 -30.95 -23.72
C SER A 333 -35.11 -29.70 -23.83
N SER A 334 -34.48 -28.53 -23.78
CA SER A 334 -35.17 -27.27 -24.02
C SER A 334 -35.07 -27.04 -25.52
N PRO A 335 -35.71 -25.98 -26.05
CA PRO A 335 -35.45 -25.65 -27.46
C PRO A 335 -33.99 -25.23 -27.67
N LYS A 336 -33.77 -23.94 -27.90
CA LYS A 336 -32.40 -23.50 -28.09
C LYS A 336 -31.65 -23.65 -26.77
N LYS A 337 -30.39 -24.07 -26.85
CA LYS A 337 -29.59 -24.26 -25.65
C LYS A 337 -29.07 -22.91 -25.14
N GLU A 338 -29.11 -22.74 -23.83
CA GLU A 338 -28.97 -21.42 -23.25
C GLU A 338 -28.24 -21.50 -21.93
N VAL A 339 -27.72 -20.37 -21.48
CA VAL A 339 -27.26 -20.25 -20.10
C VAL A 339 -27.97 -19.06 -19.45
N TYR A 340 -28.45 -19.23 -18.23
CA TYR A 340 -29.10 -18.13 -17.55
C TYR A 340 -28.25 -17.74 -16.38
N PHE A 341 -28.39 -16.49 -15.97
CA PHE A 341 -27.81 -15.97 -14.74
C PHE A 341 -28.96 -15.32 -14.00
N MET A 342 -29.17 -15.72 -12.76
CA MET A 342 -30.33 -15.23 -12.02
C MET A 342 -29.92 -14.89 -10.60
N ALA A 343 -30.04 -13.61 -10.23
CA ALA A 343 -29.71 -13.26 -8.85
C ALA A 343 -30.61 -12.18 -8.31
N ILE A 344 -30.65 -12.06 -6.99
CA ILE A 344 -31.37 -10.95 -6.36
C ILE A 344 -30.45 -9.72 -6.31
N ILE A 345 -30.95 -8.59 -6.76
CA ILE A 345 -30.17 -7.36 -6.65
C ILE A 345 -30.94 -6.26 -5.95
N ASP A 346 -30.23 -5.19 -5.61
CA ASP A 346 -30.81 -3.98 -5.05
C ASP A 346 -31.51 -4.16 -3.69
N ILE A 347 -30.76 -4.56 -2.67
CA ILE A 347 -31.32 -4.83 -1.35
C ILE A 347 -30.96 -3.75 -0.33
N LEU A 348 -30.43 -2.64 -0.77
CA LEU A 348 -30.02 -1.66 0.20
C LEU A 348 -31.04 -0.57 0.32
N VAL A 375 -47.44 -1.22 0.13
CA VAL A 375 -47.39 -2.63 0.50
C VAL A 375 -46.19 -2.91 1.40
N ASN A 376 -46.25 -4.01 2.16
CA ASN A 376 -45.26 -4.33 3.18
C ASN A 376 -44.18 -5.32 2.70
N PRO A 377 -43.07 -5.44 3.44
CA PRO A 377 -42.01 -6.38 3.06
C PRO A 377 -42.42 -7.85 2.94
N GLU A 378 -43.21 -8.36 3.89
CA GLU A 378 -43.66 -9.76 3.83
C GLU A 378 -44.41 -10.06 2.54
N GLN A 379 -45.44 -9.26 2.29
CA GLN A 379 -46.22 -9.41 1.08
C GLN A 379 -45.39 -9.06 -0.15
N TYR A 380 -44.43 -8.14 -0.01
CA TYR A 380 -43.53 -7.84 -1.12
C TYR A 380 -42.78 -9.10 -1.53
N SER A 381 -42.34 -9.87 -0.55
CA SER A 381 -41.64 -11.13 -0.81
C SER A 381 -42.54 -12.29 -1.25
N LYS A 382 -43.81 -12.29 -0.85
CA LYS A 382 -44.74 -13.29 -1.39
C LYS A 382 -44.97 -13.00 -2.87
N ARG A 383 -45.28 -11.74 -3.15
CA ARG A 383 -45.48 -11.24 -4.50
C ARG A 383 -44.25 -11.48 -5.39
N PHE A 384 -43.06 -11.33 -4.82
CA PHE A 384 -41.80 -11.57 -5.53
C PHE A 384 -41.56 -13.07 -5.78
N ASN A 385 -41.70 -13.86 -4.71
CA ASN A 385 -41.42 -15.29 -4.76
C ASN A 385 -42.37 -16.08 -5.68
N GLU A 386 -43.63 -15.67 -5.76
CA GLU A 386 -44.56 -16.35 -6.64
C GLU A 386 -44.20 -16.11 -8.10
N PHE A 387 -43.87 -14.85 -8.41
CA PHE A 387 -43.47 -14.45 -9.76
C PHE A 387 -42.17 -15.13 -10.22
N MET A 388 -41.16 -15.15 -9.37
CA MET A 388 -39.93 -15.84 -9.77
C MET A 388 -40.17 -17.35 -9.83
N SER A 389 -40.99 -17.87 -8.93
CA SER A 389 -41.33 -19.28 -8.96
C SER A 389 -41.97 -19.68 -10.29
N ASN A 390 -42.73 -18.76 -10.87
CA ASN A 390 -43.35 -19.02 -12.18
C ASN A 390 -42.50 -18.61 -13.36
N ILE A 391 -41.42 -17.87 -13.09
CA ILE A 391 -40.51 -17.41 -14.13
C ILE A 391 -39.83 -18.58 -14.85
N LEU A 392 -39.83 -19.75 -14.22
CA LEU A 392 -39.06 -20.87 -14.75
C LEU A 392 -39.69 -22.24 -14.52
N THR A 393 -39.52 -23.10 -15.52
CA THR A 393 -39.89 -24.51 -15.43
C THR A 393 -38.69 -25.36 -15.86
N VAL B 10 4.67 -11.06 6.75
CA VAL B 10 3.75 -10.14 7.40
C VAL B 10 4.49 -9.19 8.27
N LYS B 11 4.81 -7.99 7.82
CA LYS B 11 5.27 -7.02 8.82
C LYS B 11 4.23 -6.41 9.83
N LEU B 12 4.06 -7.01 10.99
CA LEU B 12 3.43 -6.27 12.05
C LEU B 12 4.40 -5.19 12.28
N PHE B 13 3.95 -4.06 12.77
CA PHE B 13 4.90 -2.99 13.02
C PHE B 13 5.07 -2.87 14.54
N ARG B 14 5.42 -4.02 15.11
CA ARG B 14 5.66 -4.21 16.53
C ARG B 14 6.95 -3.51 16.98
N ALA B 15 6.81 -2.53 17.87
CA ALA B 15 7.97 -1.77 18.35
C ALA B 15 7.77 -1.20 19.77
N SER B 16 8.87 -0.86 20.43
CA SER B 16 8.84 -0.44 21.84
C SER B 16 8.04 0.83 22.11
N GLU B 17 7.92 1.69 21.08
CA GLU B 17 7.20 2.95 21.20
C GLU B 17 6.38 3.20 19.94
N PRO B 18 5.21 3.83 20.09
CA PRO B 18 4.32 4.14 18.97
C PRO B 18 5.05 4.84 17.81
N ILE B 19 6.03 5.65 18.18
CA ILE B 19 6.77 6.41 17.18
C ILE B 19 7.60 5.50 16.25
N LEU B 20 8.21 4.46 16.80
CA LEU B 20 8.98 3.50 16.01
C LEU B 20 8.07 2.71 15.04
N SER B 21 6.93 2.28 15.56
CA SER B 21 5.89 1.68 14.73
C SER B 21 5.54 2.55 13.55
N VAL B 22 5.33 3.84 13.80
CA VAL B 22 4.92 4.76 12.73
C VAL B 22 6.05 4.96 11.72
N LEU B 23 7.29 5.01 12.20
CA LEU B 23 8.45 5.04 11.32
C LEU B 23 8.46 3.84 10.35
N MET B 24 8.34 2.64 10.92
CA MET B 24 8.31 1.38 10.18
C MET B 24 7.19 1.35 9.14
N TRP B 25 5.97 1.62 9.63
CA TRP B 25 4.82 1.76 8.74
C TRP B 25 5.14 2.72 7.59
N GLY B 26 5.69 3.88 7.95
CA GLY B 26 5.90 4.99 7.04
C GLY B 26 6.87 4.63 5.92
N VAL B 27 8.06 4.14 6.30
CA VAL B 27 9.06 3.69 5.34
C VAL B 27 8.48 2.61 4.42
N ASN B 28 7.82 1.61 5.00
CA ASN B 28 7.16 0.56 4.22
C ASN B 28 6.20 1.10 3.16
N HIS B 29 5.33 2.00 3.60
CA HIS B 29 4.34 2.66 2.77
C HIS B 29 4.93 3.47 1.60
N THR B 30 5.82 4.40 1.93
CA THR B 30 6.40 5.29 0.93
C THR B 30 7.24 4.50 -0.07
N ILE B 31 7.95 3.47 0.40
CA ILE B 31 8.71 2.68 -0.54
C ILE B 31 7.85 1.79 -1.47
N ASN B 32 6.75 1.24 -0.96
CA ASN B 32 5.84 0.54 -1.87
C ASN B 32 5.24 1.47 -2.93
N GLU B 33 4.83 2.64 -2.44
CA GLU B 33 4.28 3.68 -3.31
C GLU B 33 5.29 4.05 -4.39
N LEU B 34 6.53 4.31 -3.98
CA LEU B 34 7.58 4.61 -4.92
C LEU B 34 7.78 3.51 -5.93
N SER B 35 7.63 2.26 -5.51
CA SER B 35 7.80 1.17 -6.47
C SER B 35 6.73 1.33 -7.52
N ASN B 36 5.63 1.96 -7.18
CA ASN B 36 4.71 2.32 -8.28
C ASN B 36 5.05 3.55 -9.12
N VAL B 37 6.10 4.30 -8.73
CA VAL B 37 6.46 5.52 -9.46
C VAL B 37 7.63 5.30 -10.40
N PRO B 38 7.46 5.62 -11.69
CA PRO B 38 8.57 5.36 -12.62
C PRO B 38 9.85 6.12 -12.28
N VAL B 39 11.00 5.47 -12.49
CA VAL B 39 12.30 6.11 -12.34
C VAL B 39 12.47 7.06 -13.51
N PRO B 40 12.59 8.36 -13.24
CA PRO B 40 12.64 9.43 -14.23
C PRO B 40 14.00 9.56 -14.91
N VAL B 41 14.07 10.28 -16.02
CA VAL B 41 15.34 10.42 -16.74
C VAL B 41 16.28 11.34 -15.98
N MET B 42 15.70 12.20 -15.15
CA MET B 42 16.48 13.16 -14.38
C MET B 42 15.63 13.73 -13.26
N LEU B 43 16.29 14.14 -12.19
CA LEU B 43 15.60 14.89 -11.16
C LEU B 43 15.25 16.25 -11.76
N MET B 44 14.20 16.87 -11.23
CA MET B 44 13.75 18.15 -11.73
C MET B 44 13.67 19.11 -10.54
N PRO B 45 13.71 20.43 -10.79
CA PRO B 45 13.65 21.42 -9.70
C PRO B 45 12.53 21.17 -8.67
N ASP B 46 11.28 20.95 -9.12
CA ASP B 46 10.19 20.61 -8.20
C ASP B 46 10.46 19.39 -7.31
N ASP B 47 11.28 18.43 -7.78
CA ASP B 47 11.58 17.27 -6.95
C ASP B 47 12.28 17.69 -5.65
N PHE B 48 12.94 18.84 -5.68
CA PHE B 48 13.68 19.32 -4.52
C PHE B 48 12.81 20.16 -3.61
N LYS B 49 11.61 20.50 -4.09
CA LYS B 49 10.66 21.23 -3.27
C LYS B 49 9.47 20.35 -2.92
N ALA B 50 9.61 19.04 -3.03
CA ALA B 50 8.41 18.19 -3.02
C ALA B 50 8.24 17.34 -1.77
N TYR B 51 7.02 16.91 -1.50
CA TYR B 51 6.81 15.94 -0.45
C TYR B 51 5.61 15.04 -0.66
N SER B 52 5.60 13.94 0.04
CA SER B 52 4.37 13.16 0.12
C SER B 52 3.87 13.36 1.55
N LYS B 53 2.56 13.45 1.70
CA LYS B 53 1.96 13.48 3.03
C LYS B 53 0.82 12.46 3.11
N ILE B 54 0.85 11.62 4.12
CA ILE B 54 -0.30 10.78 4.39
C ILE B 54 -0.76 10.92 5.84
N LYS B 55 -2.08 11.02 6.02
CA LYS B 55 -2.73 11.00 7.33
C LYS B 55 -3.63 9.76 7.53
N VAL B 56 -3.39 9.03 8.61
CA VAL B 56 -4.16 7.84 8.95
C VAL B 56 -5.08 8.06 10.16
N ASP B 57 -6.34 7.65 10.00
CA ASP B 57 -7.39 7.78 10.99
C ASP B 57 -8.12 6.43 11.12
N ASN B 58 -7.61 5.52 11.96
CA ASN B 58 -8.18 4.17 12.03
C ASN B 58 -9.09 3.81 13.22
N HIS B 59 -10.39 3.93 12.99
CA HIS B 59 -11.36 3.62 14.04
C HIS B 59 -11.56 2.10 14.23
N LEU B 60 -11.20 1.60 15.42
CA LEU B 60 -11.42 0.20 15.80
C LEU B 60 -10.76 -0.84 14.87
N PHE B 61 -9.58 -0.52 14.35
CA PHE B 61 -8.95 -1.36 13.35
C PHE B 61 -7.42 -1.26 13.38
N ASN B 62 -6.76 -2.41 13.46
CA ASN B 62 -5.31 -2.51 13.25
C ASN B 62 -4.52 -1.57 14.18
N LYS B 63 -5.05 -1.41 15.37
CA LYS B 63 -4.42 -0.58 16.39
C LYS B 63 -3.84 -1.50 17.47
N GLU B 64 -3.44 -2.69 17.05
CA GLU B 64 -2.72 -3.63 17.90
C GLU B 64 -1.29 -3.15 18.11
N ASN B 65 -0.71 -2.51 17.09
CA ASN B 65 0.65 -1.99 17.18
C ASN B 65 0.75 -0.53 16.78
N LEU B 66 -0.03 -0.14 15.78
CA LEU B 66 -0.05 1.22 15.30
C LEU B 66 -1.02 2.09 16.09
N PRO B 67 -0.69 3.37 16.26
CA PRO B 67 -1.69 4.33 16.73
C PRO B 67 -2.85 4.37 15.75
N SER B 68 -4.06 4.53 16.24
CA SER B 68 -5.24 4.72 15.40
C SER B 68 -5.15 5.96 14.50
N ARG B 69 -4.51 7.02 15.01
CA ARG B 69 -4.37 8.30 14.29
C ARG B 69 -2.90 8.70 14.26
N PHE B 70 -2.40 9.03 13.06
CA PHE B 70 -1.02 9.49 12.93
C PHE B 70 -0.76 10.10 11.56
N LYS B 71 0.32 10.86 11.44
CA LYS B 71 0.70 11.44 10.14
C LYS B 71 2.13 11.03 9.82
N PHE B 72 2.43 11.03 8.52
CA PHE B 72 3.74 10.66 8.02
C PHE B 72 3.99 11.43 6.72
N LYS B 73 5.12 12.13 6.69
CA LYS B 73 5.46 13.01 5.59
C LYS B 73 6.86 12.67 5.12
N GLU B 74 7.03 12.53 3.81
CA GLU B 74 8.36 12.25 3.28
C GLU B 74 8.83 13.39 2.41
N TYR B 75 9.92 14.02 2.83
CA TYR B 75 10.47 15.13 2.06
C TYR B 75 11.21 14.62 0.84
N CYS B 76 10.90 15.21 -0.32
CA CYS B 76 11.63 15.01 -1.59
C CYS B 76 11.90 13.56 -1.91
N PRO B 77 10.84 12.74 -2.01
CA PRO B 77 11.06 11.29 -2.19
C PRO B 77 11.81 10.90 -3.47
N MET B 78 11.56 11.60 -4.58
CA MET B 78 12.31 11.36 -5.81
C MET B 78 13.84 11.55 -5.63
N VAL B 79 14.21 12.58 -4.84
CA VAL B 79 15.61 12.90 -4.65
C VAL B 79 16.28 11.84 -3.78
N PHE B 80 15.65 11.52 -2.67
CA PHE B 80 16.23 10.52 -1.76
C PHE B 80 16.21 9.10 -2.37
N ARG B 81 15.22 8.79 -3.23
CA ARG B 81 15.31 7.52 -3.95
C ARG B 81 16.51 7.51 -4.93
N ASN B 82 16.72 8.62 -5.66
CA ASN B 82 17.94 8.74 -6.45
C ASN B 82 19.25 8.65 -5.67
N LEU B 83 19.30 9.27 -4.50
CA LEU B 83 20.49 9.19 -3.66
C LEU B 83 20.74 7.73 -3.26
N ARG B 84 19.68 7.08 -2.78
CA ARG B 84 19.71 5.66 -2.53
C ARG B 84 20.33 4.87 -3.69
N GLU B 85 19.89 5.15 -4.91
CA GLU B 85 20.40 4.35 -6.03
C GLU B 85 21.87 4.64 -6.25
N ARG B 86 22.23 5.92 -6.13
CA ARG B 86 23.60 6.34 -6.32
C ARG B 86 24.51 5.89 -5.19
N PHE B 87 23.96 5.62 -4.02
CA PHE B 87 24.77 5.06 -2.95
C PHE B 87 24.80 3.53 -2.98
N GLY B 88 24.30 2.96 -4.07
CA GLY B 88 24.32 1.53 -4.25
C GLY B 88 23.37 0.81 -3.30
N ILE B 89 22.26 1.46 -2.98
CA ILE B 89 21.36 0.87 -2.01
C ILE B 89 20.00 0.57 -2.64
N ASP B 90 19.56 -0.68 -2.55
CA ASP B 90 18.32 -1.12 -3.19
C ASP B 90 17.12 -0.81 -2.27
N ASP B 91 16.06 -0.25 -2.87
CA ASP B 91 14.88 0.19 -2.13
C ASP B 91 14.27 -0.91 -1.27
N GLN B 92 14.24 -2.12 -1.82
CA GLN B 92 13.69 -3.24 -1.07
C GLN B 92 14.53 -3.59 0.16
N ASP B 93 15.85 -3.48 0.07
CA ASP B 93 16.70 -3.81 1.22
C ASP B 93 16.56 -2.75 2.31
N TYR B 94 16.47 -1.49 1.89
CA TYR B 94 16.30 -0.37 2.79
C TYR B 94 14.99 -0.57 3.59
N GLN B 95 13.91 -0.79 2.83
CA GLN B 95 12.61 -1.14 3.39
C GLN B 95 12.64 -2.32 4.39
N ASN B 96 13.32 -3.41 4.01
CA ASN B 96 13.45 -4.54 4.93
C ASN B 96 14.22 -4.18 6.20
N SER B 97 15.23 -3.34 6.07
CA SER B 97 16.07 -3.03 7.21
C SER B 97 15.27 -2.23 8.20
N VAL B 98 14.37 -1.39 7.70
CA VAL B 98 13.57 -0.59 8.63
C VAL B 98 12.35 -1.35 9.18
N THR B 99 11.82 -2.30 8.41
CA THR B 99 10.51 -2.87 8.72
C THR B 99 10.49 -4.31 9.25
N ARG B 100 11.53 -5.08 8.94
CA ARG B 100 11.56 -6.49 9.27
C ARG B 100 11.66 -6.67 10.78
N SER B 101 12.13 -5.64 11.44
CA SER B 101 12.20 -5.62 12.89
C SER B 101 12.41 -4.19 13.36
N ALA B 102 11.83 -3.87 14.52
CA ALA B 102 11.98 -2.55 15.12
C ALA B 102 13.44 -2.14 15.23
N PRO B 103 13.73 -0.88 14.90
CA PRO B 103 15.07 -0.33 15.07
C PRO B 103 15.40 -0.18 16.54
N ILE B 104 16.69 -0.23 16.85
CA ILE B 104 17.18 -0.39 18.22
C ILE B 104 17.80 0.88 18.80
N ASN B 105 17.72 1.04 20.12
CA ASN B 105 18.23 2.24 20.78
C ASN B 105 19.71 2.14 21.09
N ARG B 115 16.93 11.60 19.63
CA ARG B 115 16.99 10.13 19.60
C ARG B 115 17.95 9.61 18.50
N PHE B 116 18.71 8.58 18.85
CA PHE B 116 19.63 7.94 17.93
C PHE B 116 19.27 6.48 17.78
N LEU B 117 18.95 6.09 16.56
CA LEU B 117 18.50 4.74 16.32
C LEU B 117 19.34 4.06 15.27
N THR B 118 19.21 2.75 15.25
CA THR B 118 19.88 1.92 14.27
C THR B 118 18.87 0.85 13.85
N THR B 119 18.83 0.52 12.56
CA THR B 119 17.96 -0.57 12.13
C THR B 119 18.47 -1.88 12.75
N TYR B 120 17.56 -2.83 12.93
CA TYR B 120 17.83 -4.02 13.72
C TYR B 120 19.11 -4.67 13.22
N ASP B 121 19.38 -4.52 11.93
CA ASP B 121 20.55 -5.11 11.30
C ASP B 121 21.77 -4.20 11.29
N ARG B 122 21.65 -3.04 11.92
CA ARG B 122 22.76 -2.07 12.03
C ARG B 122 23.27 -1.43 10.75
N ARG B 123 22.52 -1.54 9.66
CA ARG B 123 22.96 -0.95 8.39
C ARG B 123 22.74 0.55 8.31
N PHE B 124 21.61 1.01 8.84
CA PHE B 124 21.22 2.40 8.73
C PHE B 124 20.97 3.06 10.09
N VAL B 125 21.42 4.31 10.21
CA VAL B 125 21.21 5.13 11.40
C VAL B 125 20.02 6.07 11.19
N ILE B 126 19.17 6.20 12.22
CA ILE B 126 18.04 7.12 12.16
C ILE B 126 18.17 8.16 13.27
N LYS B 127 18.49 9.38 12.89
CA LYS B 127 18.73 10.42 13.88
C LYS B 127 17.57 11.39 13.90
N THR B 128 17.12 11.74 15.11
CA THR B 128 16.08 12.72 15.27
C THR B 128 16.74 14.07 15.10
N VAL B 129 16.06 14.98 14.40
CA VAL B 129 16.66 16.26 14.08
C VAL B 129 15.65 17.37 14.25
N SER B 130 16.11 18.61 14.10
CA SER B 130 15.27 19.77 14.32
C SER B 130 14.62 20.27 13.04
N SER B 131 13.54 21.05 13.19
CA SER B 131 12.91 21.74 12.09
C SER B 131 13.93 22.51 11.25
N GLU B 132 14.89 23.14 11.91
CA GLU B 132 15.90 23.92 11.20
C GLU B 132 16.92 23.03 10.52
N ASP B 133 17.18 21.85 11.08
CA ASP B 133 18.02 20.85 10.38
C ASP B 133 17.37 20.47 9.04
N VAL B 134 16.05 20.32 9.06
CA VAL B 134 15.29 19.94 7.87
C VAL B 134 15.32 21.08 6.85
N ALA B 135 15.07 22.29 7.34
CA ALA B 135 15.24 23.49 6.54
C ALA B 135 16.61 23.53 5.86
N GLU B 136 17.66 23.40 6.66
CA GLU B 136 19.03 23.42 6.15
C GLU B 136 19.30 22.33 5.11
N MET B 137 18.79 21.12 5.35
CA MET B 137 18.95 20.02 4.42
C MET B 137 18.32 20.39 3.10
N HIS B 138 17.12 20.96 3.17
CA HIS B 138 16.52 21.47 1.95
C HIS B 138 17.42 22.49 1.31
N ASN B 139 18.11 23.26 2.14
CA ASN B 139 18.98 24.29 1.61
C ASN B 139 20.20 23.76 0.87
N ILE B 140 20.79 22.69 1.36
CA ILE B 140 21.95 22.16 0.68
C ILE B 140 21.64 21.11 -0.38
N LEU B 141 20.40 20.62 -0.42
CA LEU B 141 20.09 19.36 -1.11
C LEU B 141 20.46 19.29 -2.60
N LYS B 142 20.23 20.36 -3.35
CA LYS B 142 20.57 20.36 -4.77
C LYS B 142 22.08 20.22 -4.99
N LYS B 143 22.86 21.07 -4.34
CA LYS B 143 24.31 21.02 -4.52
C LYS B 143 24.87 19.72 -3.97
N TYR B 144 24.27 19.24 -2.90
CA TYR B 144 24.72 18.01 -2.27
C TYR B 144 24.52 16.86 -3.24
N HIS B 145 23.36 16.85 -3.89
CA HIS B 145 23.05 15.81 -4.87
C HIS B 145 24.03 15.87 -6.04
N GLN B 146 24.21 17.08 -6.59
CA GLN B 146 25.10 17.27 -7.71
C GLN B 146 26.51 16.80 -7.38
N PHE B 147 26.88 16.99 -6.12
CA PHE B 147 28.19 16.57 -5.65
C PHE B 147 28.29 15.04 -5.55
N ILE B 148 27.22 14.41 -5.09
CA ILE B 148 27.16 12.95 -5.05
C ILE B 148 27.28 12.39 -6.48
N VAL B 149 26.62 13.04 -7.42
CA VAL B 149 26.73 12.67 -8.82
C VAL B 149 28.19 12.76 -9.22
N GLU B 150 28.73 13.98 -9.19
CA GLU B 150 30.08 14.28 -9.66
C GLU B 150 31.18 13.43 -9.03
N CYS B 151 30.97 12.98 -7.80
CA CYS B 151 31.99 12.16 -7.14
C CYS B 151 31.62 10.68 -7.19
N HIS B 152 30.52 10.38 -7.88
CA HIS B 152 30.06 9.01 -8.08
C HIS B 152 29.86 8.28 -6.76
N GLY B 153 29.30 8.98 -5.77
CA GLY B 153 28.99 8.36 -4.50
C GLY B 153 30.23 7.91 -3.75
N ASN B 154 31.38 8.40 -4.19
CA ASN B 154 32.63 8.15 -3.51
C ASN B 154 32.96 9.36 -2.65
N THR B 155 32.52 9.34 -1.41
CA THR B 155 32.74 10.44 -0.49
C THR B 155 32.69 9.99 0.94
N LEU B 156 33.14 10.88 1.83
CA LEU B 156 33.16 10.60 3.24
C LEU B 156 31.99 11.32 3.89
N LEU B 157 31.35 12.20 3.13
CA LEU B 157 30.15 12.91 3.60
C LEU B 157 29.08 11.91 4.04
N PRO B 158 28.16 12.36 4.89
CA PRO B 158 27.03 11.47 5.20
C PRO B 158 26.30 11.09 3.92
N GLN B 159 25.94 9.82 3.81
CA GLN B 159 25.03 9.38 2.75
C GLN B 159 23.58 9.45 3.24
N PHE B 160 22.88 10.53 2.87
CA PHE B 160 21.48 10.72 3.23
C PHE B 160 20.57 9.82 2.41
N LEU B 161 19.78 9.01 3.10
CA LEU B 161 18.95 7.99 2.43
C LEU B 161 17.45 8.29 2.42
N GLY B 162 17.00 9.09 3.39
CA GLY B 162 15.61 9.49 3.48
C GLY B 162 15.38 10.53 4.57
N MET B 163 14.33 11.33 4.44
CA MET B 163 14.01 12.37 5.42
C MET B 163 12.49 12.44 5.67
N TYR B 164 12.11 12.35 6.94
CA TYR B 164 10.71 12.21 7.28
C TYR B 164 10.24 13.12 8.41
N ARG B 165 8.97 13.48 8.36
CA ARG B 165 8.30 14.06 9.50
C ARG B 165 7.15 13.17 9.99
N LEU B 166 7.20 12.78 11.25
CA LEU B 166 6.16 11.96 11.86
C LEU B 166 5.27 12.78 12.82
N THR B 167 3.96 12.66 12.69
CA THR B 167 3.07 13.25 13.68
C THR B 167 2.40 12.17 14.52
N VAL B 168 2.72 12.16 15.81
CA VAL B 168 2.24 11.16 16.77
C VAL B 168 1.77 11.83 18.06
N ASP B 169 0.49 11.63 18.38
CA ASP B 169 -0.12 12.31 19.51
C ASP B 169 0.07 13.82 19.40
N GLY B 170 -0.13 14.35 18.20
CA GLY B 170 -0.02 15.78 17.97
C GLY B 170 1.42 16.28 17.96
N VAL B 171 2.39 15.39 18.16
CA VAL B 171 3.77 15.83 18.20
C VAL B 171 4.60 15.51 16.96
N GLU B 172 5.01 16.56 16.26
CA GLU B 172 5.85 16.44 15.09
C GLU B 172 7.27 16.05 15.48
N THR B 173 7.84 15.11 14.73
CA THR B 173 9.20 14.64 14.95
C THR B 173 9.88 14.52 13.58
N TYR B 174 11.15 14.90 13.50
CA TYR B 174 11.85 14.91 12.23
C TYR B 174 12.95 13.86 12.23
N MET B 175 13.07 13.08 11.16
CA MET B 175 14.14 12.09 11.13
C MET B 175 14.94 12.12 9.87
N VAL B 176 16.23 11.82 10.01
CA VAL B 176 17.13 11.65 8.88
C VAL B 176 17.83 10.30 8.94
N VAL B 177 17.85 9.61 7.81
CA VAL B 177 18.41 8.27 7.71
C VAL B 177 19.75 8.32 6.98
N THR B 178 20.77 7.75 7.59
CA THR B 178 22.10 7.74 6.98
C THR B 178 22.62 6.32 6.94
N ARG B 179 23.57 6.05 6.06
CA ARG B 179 24.27 4.78 6.16
C ARG B 179 25.19 4.78 7.37
N ASN B 180 25.25 3.66 8.09
CA ASN B 180 26.04 3.59 9.32
C ASN B 180 27.49 3.82 8.96
N VAL B 181 28.19 4.59 9.80
CA VAL B 181 29.60 4.83 9.60
C VAL B 181 30.33 3.54 9.94
N PHE B 182 29.91 2.94 11.05
CA PHE B 182 30.54 1.72 11.56
C PHE B 182 30.10 0.48 10.80
N SER B 183 30.85 -0.60 10.95
CA SER B 183 30.46 -1.90 10.40
C SER B 183 29.15 -2.33 11.01
N HIS B 184 28.29 -2.92 10.21
CA HIS B 184 27.03 -3.39 10.75
C HIS B 184 27.23 -4.73 11.42
N ARG B 185 28.48 -5.23 11.39
CA ARG B 185 28.81 -6.52 11.98
C ARG B 185 29.98 -6.41 12.98
N LEU B 186 31.11 -5.84 12.55
CA LEU B 186 32.30 -5.79 13.40
C LEU B 186 32.13 -4.87 14.60
N THR B 187 32.19 -5.44 15.79
CA THR B 187 32.13 -4.68 17.03
C THR B 187 33.18 -3.56 17.03
N VAL B 188 32.75 -2.33 17.30
CA VAL B 188 33.69 -1.22 17.48
C VAL B 188 34.17 -1.18 18.93
N HIS B 189 35.49 -1.19 19.13
CA HIS B 189 36.05 -1.20 20.48
C HIS B 189 36.43 0.18 21.02
N ARG B 190 36.77 1.12 20.14
CA ARG B 190 37.04 2.49 20.60
C ARG B 190 36.74 3.54 19.55
N LYS B 191 36.06 4.61 19.97
CA LYS B 191 35.69 5.66 19.02
C LYS B 191 36.13 7.06 19.40
N TYR B 192 36.47 7.84 18.38
CA TYR B 192 36.90 9.21 18.53
C TYR B 192 36.09 10.13 17.63
N ASP B 193 35.77 11.31 18.15
CA ASP B 193 35.04 12.32 17.38
C ASP B 193 35.97 13.53 17.20
N LEU B 194 36.55 13.64 16.02
CA LEU B 194 37.62 14.60 15.81
C LEU B 194 37.16 15.89 15.14
N LYS B 195 37.78 17.02 15.50
CA LYS B 195 37.41 18.31 14.90
C LYS B 195 38.62 19.10 14.40
N VAL B 199 41.05 25.75 19.60
CA VAL B 199 40.53 25.38 20.89
C VAL B 199 41.13 24.11 21.37
N ALA B 200 40.33 23.37 22.11
CA ALA B 200 40.65 22.03 22.54
C ALA B 200 39.47 21.42 23.30
N ARG B 201 39.24 20.15 23.04
CA ARG B 201 38.11 19.41 23.56
C ARG B 201 38.64 18.06 23.96
N GLU B 202 37.92 17.40 24.85
CA GLU B 202 38.31 16.09 25.25
C GLU B 202 37.18 15.52 26.04
N ALA B 203 37.28 14.25 26.39
CA ALA B 203 36.15 13.50 26.92
C ALA B 203 35.96 13.84 28.40
N SER B 204 34.72 13.78 28.87
CA SER B 204 34.40 14.19 30.25
C SER B 204 34.66 13.09 31.28
N ASP B 205 34.65 13.48 32.55
CA ASP B 205 34.93 12.57 33.66
C ASP B 205 33.82 11.54 33.88
N LYS B 206 32.75 11.63 33.07
CA LYS B 206 31.62 10.72 33.20
C LYS B 206 31.41 9.97 31.89
N GLU B 207 31.61 10.68 30.78
CA GLU B 207 31.57 10.06 29.45
C GLU B 207 32.67 9.00 29.35
N LYS B 208 33.80 9.24 30.01
CA LYS B 208 34.89 8.30 30.06
C LYS B 208 34.53 7.06 30.89
N ALA B 209 33.37 7.10 31.53
CA ALA B 209 32.88 5.97 32.33
C ALA B 209 31.76 5.24 31.59
N LYS B 210 31.49 5.66 30.36
CA LYS B 210 30.48 5.00 29.55
C LYS B 210 31.12 3.83 28.82
N ASP B 211 30.29 2.86 28.40
CA ASP B 211 30.77 1.65 27.73
C ASP B 211 31.65 1.92 26.51
N LEU B 212 31.10 2.61 25.52
CA LEU B 212 31.88 3.05 24.38
C LEU B 212 31.96 4.58 24.40
N PRO B 213 33.04 5.12 24.97
CA PRO B 213 33.14 6.58 25.13
C PRO B 213 33.46 7.30 23.83
N THR B 214 32.92 8.51 23.70
CA THR B 214 33.19 9.38 22.57
C THR B 214 34.37 10.29 22.92
N PHE B 215 35.57 9.80 22.64
CA PHE B 215 36.78 10.55 22.92
C PHE B 215 36.92 11.68 21.91
N LYS B 216 37.80 12.64 22.20
CA LYS B 216 38.00 13.78 21.30
C LYS B 216 39.46 14.02 20.93
N ASP B 217 39.71 15.12 20.24
CA ASP B 217 41.01 15.42 19.63
C ASP B 217 42.20 15.29 20.58
N ASN B 218 42.06 15.84 21.79
CA ASN B 218 43.15 15.85 22.77
C ASN B 218 43.44 14.46 23.36
N ASP B 219 42.36 13.76 23.70
CA ASP B 219 42.43 12.39 24.19
C ASP B 219 43.16 11.51 23.19
N PHE B 220 43.07 11.90 21.93
CA PHE B 220 43.69 11.17 20.83
C PHE B 220 45.15 11.58 20.67
N LEU B 221 45.37 12.89 20.63
CA LEU B 221 46.72 13.46 20.52
C LEU B 221 47.66 12.94 21.59
N ASN B 222 47.35 13.23 22.85
CA ASN B 222 48.28 12.90 23.94
C ASN B 222 48.25 11.42 24.33
N GLU B 223 47.51 10.63 23.55
CA GLU B 223 47.54 9.18 23.68
C GLU B 223 48.49 8.62 22.62
N GLY B 224 48.89 9.48 21.69
CA GLY B 224 49.83 9.12 20.65
C GLY B 224 49.38 7.99 19.76
N GLN B 225 48.18 8.10 19.20
CA GLN B 225 47.67 7.08 18.29
C GLN B 225 47.65 7.55 16.83
N LYS B 226 48.13 6.69 15.94
CA LYS B 226 48.00 6.90 14.52
C LYS B 226 47.15 5.77 13.93
N LEU B 227 46.95 5.79 12.61
CA LEU B 227 46.21 4.75 11.93
C LEU B 227 46.99 4.27 10.70
N HIS B 228 47.72 3.17 10.85
CA HIS B 228 48.52 2.63 9.77
C HIS B 228 47.62 2.11 8.65
N VAL B 229 47.59 2.82 7.54
CA VAL B 229 46.76 2.39 6.42
C VAL B 229 47.55 2.38 5.10
N LYS B 234 46.01 5.69 2.43
CA LYS B 234 46.06 7.09 2.83
C LYS B 234 45.78 8.02 1.66
N LYS B 235 46.12 7.56 0.46
CA LYS B 235 45.91 8.34 -0.76
C LYS B 235 44.43 8.66 -0.97
N ASN B 236 43.65 7.58 -1.11
CA ASN B 236 42.23 7.70 -1.34
C ASN B 236 41.58 8.53 -0.24
N PHE B 237 41.94 8.24 1.00
CA PHE B 237 41.30 8.91 2.13
C PHE B 237 41.51 10.40 2.08
N LEU B 238 42.72 10.82 1.76
CA LEU B 238 43.07 12.24 1.76
C LEU B 238 42.48 12.99 0.58
N GLU B 239 42.62 12.42 -0.62
CA GLU B 239 42.00 13.02 -1.81
C GLU B 239 40.50 13.26 -1.57
N LYS B 240 39.82 12.17 -1.21
CA LYS B 240 38.41 12.20 -0.85
C LYS B 240 38.12 13.31 0.15
N LEU B 241 38.79 13.23 1.31
CA LEU B 241 38.56 14.13 2.43
C LEU B 241 38.70 15.61 2.07
N LYS B 242 39.75 15.94 1.34
CA LYS B 242 39.95 17.30 0.88
C LYS B 242 38.78 17.74 -0.01
N ARG B 243 38.46 16.92 -1.02
CA ARG B 243 37.38 17.28 -1.92
C ARG B 243 36.08 17.57 -1.15
N ASP B 244 35.80 16.71 -0.19
CA ASP B 244 34.62 16.85 0.67
C ASP B 244 34.62 18.13 1.51
N VAL B 245 35.64 18.32 2.36
CA VAL B 245 35.64 19.49 3.24
C VAL B 245 35.69 20.79 2.45
N GLU B 246 36.24 20.74 1.24
CA GLU B 246 36.17 21.86 0.31
C GLU B 246 34.70 22.13 -0.04
N PHE B 247 33.98 21.08 -0.44
CA PHE B 247 32.57 21.23 -0.75
C PHE B 247 31.77 21.78 0.43
N LEU B 248 32.00 21.25 1.63
CA LEU B 248 31.35 21.74 2.84
C LEU B 248 31.67 23.22 3.12
N ALA B 249 32.91 23.62 2.84
CA ALA B 249 33.32 25.01 2.98
C ALA B 249 32.47 25.90 2.06
N GLN B 250 32.51 25.60 0.76
CA GLN B 250 31.74 26.38 -0.21
C GLN B 250 30.25 26.56 0.12
N LEU B 251 29.72 25.72 1.02
CA LEU B 251 28.34 25.87 1.45
C LEU B 251 28.26 26.67 2.75
N LYS B 252 29.42 27.09 3.25
CA LYS B 252 29.52 27.84 4.50
C LYS B 252 29.00 27.01 5.69
N ILE B 253 29.46 25.77 5.79
CA ILE B 253 29.03 24.88 6.86
C ILE B 253 30.19 24.56 7.79
N MET B 254 29.90 24.46 9.10
CA MET B 254 30.92 24.14 10.08
C MET B 254 30.41 23.19 11.17
N ASP B 255 31.27 22.94 12.15
CA ASP B 255 31.00 22.06 13.29
C ASP B 255 31.04 20.57 12.96
N TYR B 256 31.18 20.23 11.68
CA TYR B 256 31.23 18.82 11.30
C TYR B 256 32.45 18.13 11.89
N SER B 257 32.27 16.88 12.28
CA SER B 257 33.33 16.12 12.92
C SER B 257 33.74 14.94 12.03
N LEU B 258 34.96 14.46 12.19
CA LEU B 258 35.33 13.18 11.59
C LEU B 258 35.17 12.10 12.65
N LEU B 259 34.23 11.20 12.40
CA LEU B 259 34.01 10.06 13.28
C LEU B 259 34.97 8.96 12.90
N VAL B 260 35.69 8.46 13.92
CA VAL B 260 36.63 7.37 13.75
C VAL B 260 36.27 6.24 14.70
N GLY B 261 36.25 5.03 14.19
CA GLY B 261 35.91 3.85 14.95
C GLY B 261 37.01 2.82 14.77
N ILE B 262 37.26 2.05 15.84
CA ILE B 262 38.33 1.07 15.82
C ILE B 262 37.89 -0.26 16.43
N HIS B 263 37.99 -1.30 15.61
CA HIS B 263 37.67 -2.68 15.98
C HIS B 263 38.97 -3.46 16.10
N ASP B 264 39.26 -3.96 17.31
CA ASP B 264 40.47 -4.74 17.56
C ASP B 264 40.25 -6.20 17.23
N VAL B 265 40.91 -6.69 16.18
CA VAL B 265 40.67 -8.04 15.71
C VAL B 265 40.90 -9.12 16.77
N ASP B 266 42.11 -9.12 17.35
CA ASP B 266 42.46 -10.05 18.41
C ASP B 266 41.42 -10.06 19.53
N ARG B 267 40.98 -8.87 19.92
CA ARG B 267 40.04 -8.73 21.03
C ARG B 267 38.72 -9.44 20.71
N ALA B 268 38.33 -9.39 19.44
CA ALA B 268 37.15 -10.10 18.98
C ALA B 268 37.42 -11.61 18.98
N GLU B 269 38.60 -12.00 18.54
CA GLU B 269 38.95 -13.41 18.40
C GLU B 269 38.72 -14.23 19.69
N GLN B 270 38.69 -13.55 20.83
CA GLN B 270 38.29 -14.19 22.08
C GLN B 270 36.77 -14.24 22.21
N PHE B 314 33.01 -16.55 8.45
CA PHE B 314 32.78 -16.02 9.80
C PHE B 314 34.09 -15.69 10.53
N GLY B 315 35.10 -15.24 9.79
CA GLY B 315 36.40 -14.98 10.37
C GLY B 315 36.59 -13.61 10.98
N PRO B 316 37.60 -13.48 11.85
CA PRO B 316 37.95 -12.20 12.47
C PRO B 316 38.54 -11.18 11.49
N GLY B 317 38.15 -9.91 11.62
CA GLY B 317 38.61 -8.88 10.72
C GLY B 317 38.07 -8.97 9.30
N GLU B 318 37.14 -9.89 9.09
CA GLU B 318 36.54 -10.12 7.78
C GLU B 318 35.33 -9.21 7.55
N PHE B 319 35.28 -8.52 6.41
CA PHE B 319 34.14 -7.65 6.12
C PHE B 319 33.86 -7.48 4.63
N ASP B 320 32.67 -6.98 4.31
CA ASP B 320 32.29 -6.77 2.93
C ASP B 320 32.43 -5.30 2.61
N PRO B 321 33.45 -4.95 1.82
CA PRO B 321 33.73 -3.53 1.57
C PRO B 321 32.57 -2.83 0.86
N SER B 322 31.69 -3.59 0.22
CA SER B 322 30.55 -3.01 -0.47
C SER B 322 29.40 -2.71 0.49
N VAL B 323 29.49 -3.21 1.72
CA VAL B 323 28.46 -2.93 2.72
C VAL B 323 28.99 -1.96 3.76
N ASP B 324 30.11 -2.35 4.39
CA ASP B 324 30.82 -1.48 5.32
C ASP B 324 31.78 -0.59 4.52
N VAL B 325 31.22 0.53 4.08
CA VAL B 325 31.77 1.32 3.00
C VAL B 325 32.96 2.14 3.45
N TYR B 326 33.02 2.42 4.75
CA TYR B 326 34.06 3.27 5.31
C TYR B 326 35.16 2.45 5.98
N ALA B 327 35.01 1.12 5.98
CA ALA B 327 35.96 0.25 6.66
C ALA B 327 37.30 0.21 5.94
N MET B 328 38.36 -0.05 6.71
CA MET B 328 39.73 0.02 6.21
C MET B 328 40.63 -0.90 7.02
N LYS B 329 41.31 -1.80 6.31
CA LYS B 329 42.22 -2.76 6.93
C LYS B 329 43.49 -2.08 7.45
N SER B 330 44.00 -2.57 8.56
CA SER B 330 45.31 -2.11 9.02
C SER B 330 46.40 -2.66 8.11
N HIS B 331 47.35 -1.79 7.78
CA HIS B 331 48.48 -2.12 6.91
C HIS B 331 49.23 -3.34 7.44
N GLU B 332 49.79 -4.13 6.53
CA GLU B 332 50.52 -5.34 6.89
C GLU B 332 51.60 -5.07 7.95
N SER B 333 52.14 -3.84 7.93
CA SER B 333 53.19 -3.47 8.87
C SER B 333 52.61 -2.61 9.99
N SER B 334 52.07 -3.26 11.01
CA SER B 334 51.33 -2.58 12.07
C SER B 334 51.34 -3.37 13.37
N PRO B 335 51.31 -2.66 14.51
CA PRO B 335 51.20 -3.30 15.84
C PRO B 335 49.77 -3.74 16.14
N LYS B 337 46.85 -5.65 14.13
CA LYS B 337 45.83 -5.84 13.11
C LYS B 337 44.46 -5.41 13.60
N GLU B 338 43.93 -4.35 12.98
CA GLU B 338 42.61 -3.87 13.36
C GLU B 338 41.78 -3.42 12.15
N VAL B 339 40.54 -2.99 12.41
CA VAL B 339 39.71 -2.41 11.36
C VAL B 339 39.29 -1.00 11.74
N TYR B 340 39.50 -0.06 10.81
CA TYR B 340 39.14 1.34 11.03
C TYR B 340 37.89 1.73 10.26
N PHE B 341 37.06 2.57 10.85
CA PHE B 341 35.93 3.14 10.13
C PHE B 341 35.99 4.64 10.25
N MET B 342 36.05 5.36 9.13
CA MET B 342 36.19 6.81 9.22
C MET B 342 35.28 7.51 8.27
N ALA B 343 34.54 8.48 8.79
CA ALA B 343 33.55 9.19 7.98
C ALA B 343 33.18 10.52 8.62
N ILE B 344 32.90 11.52 7.78
CA ILE B 344 32.53 12.84 8.28
C ILE B 344 31.06 12.87 8.68
N ILE B 345 30.77 13.24 9.93
CA ILE B 345 29.38 13.36 10.39
C ILE B 345 29.02 14.79 10.83
N ASP B 346 27.72 15.06 10.97
CA ASP B 346 27.26 16.37 11.41
C ASP B 346 27.56 17.54 10.62
N ILE B 347 26.95 17.75 9.45
CA ILE B 347 27.23 18.94 8.64
C ILE B 347 26.02 19.85 8.39
N LEU B 348 24.94 19.61 9.14
CA LEU B 348 23.72 20.40 9.05
C LEU B 348 23.67 21.63 9.98
N THR B 349 24.52 22.62 9.67
CA THR B 349 24.64 23.84 10.48
C THR B 349 25.03 25.05 9.62
N PRO B 377 34.39 28.92 7.69
CA PRO B 377 34.32 28.11 6.48
C PRO B 377 35.68 27.55 6.09
N GLU B 378 36.43 28.33 5.31
CA GLU B 378 37.75 27.92 4.85
C GLU B 378 38.65 27.44 5.98
N GLN B 379 38.77 28.26 7.02
CA GLN B 379 39.69 27.98 8.12
C GLN B 379 39.36 26.67 8.81
N TYR B 380 38.08 26.48 9.11
CA TYR B 380 37.62 25.25 9.71
C TYR B 380 38.00 24.08 8.82
N SER B 381 37.80 24.24 7.53
CA SER B 381 38.08 23.18 6.58
C SER B 381 39.56 22.81 6.53
N LYS B 382 40.44 23.79 6.41
CA LYS B 382 41.87 23.49 6.30
C LYS B 382 42.47 23.00 7.63
N ARG B 383 41.91 23.47 8.73
CA ARG B 383 42.30 23.04 10.08
C ARG B 383 41.93 21.57 10.32
N PHE B 384 40.65 21.27 10.14
CA PHE B 384 40.12 19.91 10.11
C PHE B 384 40.99 19.03 9.21
N ASN B 385 41.13 19.48 7.97
CA ASN B 385 41.93 18.82 6.95
C ASN B 385 43.31 18.41 7.43
N GLU B 386 44.09 19.37 7.92
CA GLU B 386 45.44 19.07 8.38
C GLU B 386 45.46 18.15 9.60
N PHE B 387 44.53 18.37 10.53
CA PHE B 387 44.46 17.51 11.73
C PHE B 387 44.25 16.05 11.34
N MET B 388 43.41 15.81 10.32
CA MET B 388 43.15 14.43 9.88
C MET B 388 44.26 13.87 8.98
N SER B 389 44.90 14.75 8.22
CA SER B 389 46.01 14.34 7.35
C SER B 389 47.19 13.84 8.17
N ASN B 390 47.22 14.16 9.46
CA ASN B 390 48.32 13.76 10.32
C ASN B 390 48.04 12.53 11.17
N ILE B 391 46.92 11.87 10.92
CA ILE B 391 46.61 10.64 11.66
C ILE B 391 47.01 9.40 10.87
N LEU B 392 47.06 9.54 9.55
CA LEU B 392 47.37 8.41 8.69
C LEU B 392 48.88 8.29 8.46
N THR B 393 49.42 7.10 8.69
CA THR B 393 50.84 6.87 8.50
C THR B 393 51.11 5.71 7.55
PG GNP C . -31.53 1.95 -12.04
O1G GNP C . -31.82 1.00 -13.17
O2G GNP C . -32.48 3.11 -11.92
O3G GNP C . -30.07 2.33 -12.21
N3B GNP C . -31.65 1.15 -10.66
PB GNP C . -30.58 1.19 -9.48
O1B GNP C . -29.88 2.48 -9.46
O2B GNP C . -31.30 0.81 -8.24
O3A GNP C . -29.52 0.12 -9.74
PA GNP C . -29.88 -1.36 -9.91
O1A GNP C . -29.05 -2.11 -8.92
O2A GNP C . -31.33 -1.56 -9.84
O5' GNP C . -29.41 -1.76 -11.38
C5' GNP C . -28.81 -0.78 -12.28
C4' GNP C . -28.39 -1.24 -13.68
O4' GNP C . -27.22 -2.10 -13.65
C3' GNP C . -29.41 -2.02 -14.50
O3' GNP C . -29.20 -1.81 -15.91
C2' GNP C . -29.10 -3.47 -14.09
O2' GNP C . -29.53 -4.39 -15.07
C1' GNP C . -27.58 -3.42 -14.03
N9 GNP C . -26.96 -4.35 -13.10
C8 GNP C . -27.21 -4.50 -11.75
N7 GNP C . -26.48 -5.41 -11.17
C5 GNP C . -25.67 -5.88 -12.21
C6 GNP C . -24.65 -6.88 -12.20
O6 GNP C . -24.25 -7.57 -11.25
N1 GNP C . -24.09 -7.03 -13.46
C2 GNP C . -24.45 -6.33 -14.58
N2 GNP C . -23.78 -6.63 -15.71
N3 GNP C . -25.39 -5.40 -14.60
C4 GNP C . -25.96 -5.23 -13.38
PG GNP D . -18.06 12.44 8.00
O1G GNP D . -18.90 12.70 6.75
O2G GNP D . -17.59 13.68 8.73
O3G GNP D . -16.96 11.49 7.61
N3B GNP D . -18.93 11.63 9.04
PB GNP D . -19.83 10.40 8.59
O1B GNP D . -19.53 9.24 9.49
O2B GNP D . -21.20 10.93 8.47
O3A GNP D . -19.48 10.00 7.16
PA GNP D . -19.79 8.70 6.39
O1A GNP D . -20.01 9.25 5.02
O2A GNP D . -18.71 7.71 6.70
O5' GNP D . -21.10 7.94 6.82
C5' GNP D . -22.13 7.55 5.89
C4' GNP D . -23.38 7.08 6.65
O4' GNP D . -23.18 5.76 7.25
C3' GNP D . -23.80 8.01 7.79
O3' GNP D . -25.15 8.43 7.63
C2' GNP D . -23.62 7.18 9.06
O2' GNP D . -24.63 7.50 10.01
C1' GNP D . -23.68 5.73 8.56
N9 GNP D . -22.82 4.88 9.37
C8 GNP D . -21.45 4.95 9.49
N7 GNP D . -20.94 4.07 10.31
C5 GNP D . -22.06 3.38 10.80
C6 GNP D . -22.13 2.30 11.73
O6 GNP D . -21.20 1.75 12.34
N1 GNP D . -23.45 1.88 11.93
C2 GNP D . -24.55 2.43 11.33
N2 GNP D . -25.73 1.89 11.65
N3 GNP D . -24.49 3.43 10.45
C4 GNP D . -23.22 3.85 10.23
O3A GNP E . -20.87 -12.40 -44.39
PA GNP E . -20.84 -13.65 -43.52
O1A GNP E . -20.32 -14.73 -44.38
O2A GNP E . -20.14 -13.38 -42.24
O5' GNP E . -22.32 -14.10 -43.16
C5' GNP E . -23.48 -13.44 -43.68
C4' GNP E . -24.66 -13.61 -42.71
O4' GNP E . -24.95 -15.03 -42.54
C3' GNP E . -24.41 -13.03 -41.32
O3' GNP E . -25.50 -12.22 -40.87
C2' GNP E . -24.21 -14.25 -40.42
O2' GNP E . -24.76 -14.07 -39.14
C1' GNP E . -24.98 -15.35 -41.16
N9 GNP E . -24.35 -16.65 -40.93
C8 GNP E . -23.14 -17.05 -41.43
N7 GNP E . -22.79 -18.24 -41.07
C5 GNP E . -23.83 -18.66 -40.24
C6 GNP E . -24.00 -19.90 -39.56
O6 GNP E . -23.24 -20.88 -39.54
N1 GNP E . -25.19 -19.93 -38.84
C2 GNP E . -26.10 -18.90 -38.80
N2 GNP E . -27.18 -19.12 -38.05
N3 GNP E . -25.96 -17.73 -39.43
C4 GNP E . -24.80 -17.68 -40.14
PG GNP F . 26.78 15.15 20.46
O1G GNP F . 27.43 13.83 20.27
O2G GNP F . 27.77 16.13 21.27
O3G GNP F . 25.41 14.95 21.29
N3B GNP F . 26.41 15.85 18.90
PB GNP F . 24.78 15.76 18.25
O1B GNP F . 23.82 15.63 19.37
O2B GNP F . 24.46 17.09 17.42
O3A GNP F . 24.67 14.48 17.29
PA GNP F . 25.95 13.95 16.47
O1A GNP F . 25.47 13.51 15.10
O2A GNP F . 27.04 14.98 16.59
O5' GNP F . 26.39 12.64 17.29
C5' GNP F . 25.40 11.73 17.79
C4' GNP F . 26.08 10.62 18.58
O4' GNP F . 25.73 9.36 18.02
C3' GNP F . 27.60 10.75 18.52
O3' GNP F . 28.12 10.90 19.84
C2' GNP F . 28.11 9.48 17.89
O2' GNP F . 28.97 8.79 18.79
C1' GNP F . 26.89 8.63 17.59
N9 GNP F . 26.81 8.37 16.12
C8 GNP F . 26.66 9.31 15.17
N7 GNP F . 26.61 8.75 13.93
C5 GNP F . 26.72 7.42 14.09
C6 GNP F . 26.74 6.24 13.20
O6 GNP F . 26.64 6.36 11.96
N1 GNP F . 26.86 5.03 13.77
C2 GNP F . 26.97 4.86 15.09
N2 GNP F . 27.09 3.60 15.58
N3 GNP F . 26.96 5.89 15.97
C4 GNP F . 26.84 7.17 15.54
#